data_4R1D
#
_entry.id   4R1D
#
_cell.length_a   59.681
_cell.length_b   135.179
_cell.length_c   62.606
_cell.angle_alpha   90.00
_cell.angle_beta   113.49
_cell.angle_gamma   90.00
#
_symmetry.space_group_name_H-M   'P 1 21 1'
#
loop_
_entity.id
_entity.type
_entity.pdbx_description
1 polymer 'Uncharacterized protein'
2 polymer 'Uncharacterized protein'
3 non-polymer 'CALCIUM ION'
4 water water
#
loop_
_entity_poly.entity_id
_entity_poly.type
_entity_poly.pdbx_seq_one_letter_code
_entity_poly.pdbx_strand_id
1 'polypeptide(L)'
;MSSEPLEPNQDVIIPRSRDSLGRPVYKAQLTRTDNQSEKVALIRQTAPLPVIFIPGIMGTNLRNKADKSEVWRPPNGLWP
MDDLFASIGALWTWAWRGPKARQELLKAEQVEVDDQGTIDVGQSGLSEEAARLRGWGKVMRSAYNPVMGLMERRLDNIVS
RRELQAWWNDEALSPPGDQGEEQGKVGPIDEEELLRASRYQFDVWCAGYNWLQSNRQSALDVRDYIENTVLPFYQKECGL
DPEQMRRMKVILVTHSMGGLVARALTQLHGYERVLGVVHGVQPATGSSTIYHHMRCGYEGIAQVVLGRNAGEVTAIVANS
AGALELAPSAEYREGRPWLFLCDAQGQVLKDIDGKPRAYPQNQDPYEEIYKNTTWYGLVPEQNSQYLDMSDKKEGLRVGP
RDNFEDLIDSIANFHGELSAAGYHSETYAHYGADDSRHSWRDLIWKGDPTPLETPGATLNDDENGTYNSWFRRGLPTIVQ
GPLETGNPLDASGSGGDETVPTDSGQAPALAGVKASFRHGSKGKGQANTKRGYEHQESYNDARAQWAALYGVIKITQLAD
WHPNDKGGT
;
A
2 'polypeptide(L)'
;MDKTGWITHCFGRFLIDLPPDAVINAGYYLWGDRIEYLDDKPTELAARVDRLEQEWRTQRHKSKGNMFLRKIDFGNESVG
LLSWSSEVASKTYLLDTYVTSKPTWHVYRWKGKVSVDREQHAVEISRALARNLRSRAPKEIPSEPGFCIDHAYIAGDSFQ
VERFGVGVTFPEHPGARFEFRSSTGAELNSLLERVDGFVQNMLSTFAGMETLRKGKHPVGSLPGEEYLVAGSDKGQRGYT
FMWEVQGKEESLTEPNLTAGLAVLERSNENGKPPPPAFKSDKEALELWDTIVDSIRVRPTSSSPRGGNAGPSPAPKPATP
GGQTLGDHYVYEEFLSSLKPKDSWLDDL
;
B
#
# COMPACT_ATOMS: atom_id res chain seq x y z
N GLN A 45 -34.25 -7.23 -19.95
CA GLN A 45 -32.80 -7.14 -19.84
C GLN A 45 -32.22 -6.67 -21.17
N THR A 46 -30.93 -6.33 -21.20
CA THR A 46 -30.01 -6.47 -20.05
C THR A 46 -30.29 -5.48 -18.93
N ALA A 47 -30.18 -5.96 -17.70
CA ALA A 47 -30.26 -5.11 -16.51
C ALA A 47 -28.99 -5.34 -15.69
N PRO A 48 -27.88 -4.71 -16.11
CA PRO A 48 -26.60 -4.95 -15.44
C PRO A 48 -26.59 -4.39 -14.03
N LEU A 49 -25.97 -5.12 -13.11
CA LEU A 49 -25.85 -4.70 -11.73
C LEU A 49 -24.42 -4.99 -11.30
N PRO A 50 -23.52 -3.99 -11.45
CA PRO A 50 -22.12 -4.29 -11.15
C PRO A 50 -21.86 -4.54 -9.67
N VAL A 51 -21.04 -5.55 -9.39
CA VAL A 51 -20.54 -5.82 -8.05
C VAL A 51 -19.09 -5.34 -8.02
N ILE A 52 -18.78 -4.37 -7.16
CA ILE A 52 -17.45 -3.80 -7.09
C ILE A 52 -16.72 -4.39 -5.89
N PHE A 53 -15.66 -5.14 -6.14
CA PHE A 53 -14.93 -5.75 -5.06
C PHE A 53 -13.79 -4.82 -4.66
N ILE A 54 -13.72 -4.52 -3.38
CA ILE A 54 -12.70 -3.64 -2.86
C ILE A 54 -11.83 -4.44 -1.90
N PRO A 55 -10.56 -4.61 -2.22
CA PRO A 55 -9.62 -5.42 -1.45
C PRO A 55 -9.18 -4.71 -0.18
N GLY A 56 -8.35 -5.38 0.62
CA GLY A 56 -7.96 -4.84 1.90
C GLY A 56 -6.49 -4.58 2.08
N ILE A 57 -6.04 -4.83 3.30
CA ILE A 57 -4.70 -4.50 3.76
C ILE A 57 -3.61 -4.99 2.78
N MET A 58 -2.82 -4.06 2.23
CA MET A 58 -1.70 -4.43 1.35
C MET A 58 -2.13 -5.33 0.17
N GLY A 59 -3.40 -5.23 -0.21
CA GLY A 59 -3.99 -6.25 -1.08
C GLY A 59 -3.88 -5.99 -2.57
N THR A 60 -3.46 -4.79 -2.94
CA THR A 60 -3.42 -4.35 -4.33
C THR A 60 -1.98 -4.22 -4.81
N ASN A 61 -1.70 -4.77 -5.98
CA ASN A 61 -0.38 -4.63 -6.62
C ASN A 61 -0.07 -3.19 -6.96
N LEU A 62 1.20 -2.79 -6.79
CA LEU A 62 1.60 -1.41 -7.07
C LEU A 62 2.85 -1.38 -7.93
N ARG A 63 2.95 -0.33 -8.74
CA ARG A 63 4.16 -0.07 -9.49
C ARG A 63 4.55 1.36 -9.28
N ASN A 64 5.82 1.69 -9.53
CA ASN A 64 6.27 3.07 -9.41
C ASN A 64 5.55 3.92 -10.47
N LYS A 65 5.00 5.05 -10.05
CA LYS A 65 4.16 5.86 -10.91
C LYS A 65 4.93 6.46 -12.09
N ALA A 66 6.19 6.79 -11.88
CA ALA A 66 7.02 7.36 -12.95
C ALA A 66 7.64 6.30 -13.85
N ASP A 67 8.20 5.25 -13.25
CA ASP A 67 9.02 4.32 -14.03
C ASP A 67 8.33 3.01 -14.40
N LYS A 68 7.18 2.78 -13.76
CA LYS A 68 6.28 1.66 -14.04
C LYS A 68 6.79 0.27 -13.60
N SER A 69 7.91 0.23 -12.89
CA SER A 69 8.43 -1.06 -12.43
C SER A 69 7.63 -1.52 -11.21
N GLU A 70 7.59 -2.83 -10.99
CA GLU A 70 6.79 -3.40 -9.91
C GLU A 70 7.46 -3.15 -8.55
N VAL A 71 6.71 -2.59 -7.59
CA VAL A 71 7.23 -2.38 -6.25
C VAL A 71 6.43 -3.12 -5.18
N TRP A 72 5.29 -3.69 -5.55
CA TRP A 72 4.47 -4.42 -4.58
C TRP A 72 3.63 -5.46 -5.30
N ARG A 73 3.87 -6.72 -4.99
CA ARG A 73 3.14 -7.84 -5.57
C ARG A 73 3.14 -9.03 -4.63
N PRO A 74 2.23 -8.97 -3.65
CA PRO A 74 2.04 -9.91 -2.55
C PRO A 74 1.62 -11.29 -3.07
N PRO A 75 1.89 -12.34 -2.29
CA PRO A 75 2.51 -12.33 -0.97
C PRO A 75 4.02 -12.18 -1.03
N ASN A 76 4.61 -11.58 0.00
CA ASN A 76 6.05 -11.37 0.06
C ASN A 76 6.68 -11.98 1.31
N GLY A 77 5.91 -12.78 2.04
CA GLY A 77 6.38 -13.37 3.29
C GLY A 77 7.08 -14.70 3.10
N LEU A 78 7.47 -15.32 4.22
CA LEU A 78 8.10 -16.65 4.18
C LEU A 78 7.02 -17.71 3.99
N TRP A 79 5.77 -17.26 4.01
CA TRP A 79 4.63 -18.14 3.86
C TRP A 79 3.68 -17.54 2.82
N PRO A 80 3.08 -18.39 1.97
CA PRO A 80 3.42 -19.81 1.86
C PRO A 80 4.37 -20.02 0.70
N MET A 81 5.60 -20.45 0.99
CA MET A 81 6.56 -20.79 -0.05
C MET A 81 6.05 -22.03 -0.79
N ASP A 82 4.98 -21.87 -1.57
CA ASP A 82 4.33 -23.02 -2.19
C ASP A 82 4.20 -22.85 -3.71
N ASP A 83 4.71 -21.75 -4.23
CA ASP A 83 4.60 -21.50 -5.66
C ASP A 83 5.84 -20.78 -6.18
N LEU A 84 6.49 -21.38 -7.16
CA LEU A 84 7.75 -20.83 -7.68
C LEU A 84 7.64 -19.36 -8.14
N PHE A 85 6.64 -19.05 -8.97
CA PHE A 85 6.54 -17.71 -9.51
C PHE A 85 6.14 -16.69 -8.46
N ALA A 86 5.34 -17.13 -7.50
CA ALA A 86 5.00 -16.30 -6.34
C ALA A 86 6.28 -15.85 -5.64
N SER A 87 7.22 -16.77 -5.49
CA SER A 87 8.47 -16.49 -4.78
C SER A 87 9.38 -15.56 -5.61
N ILE A 88 9.35 -15.69 -6.92
CA ILE A 88 10.05 -14.72 -7.78
C ILE A 88 9.45 -13.34 -7.58
N GLY A 89 8.12 -13.26 -7.51
CA GLY A 89 7.46 -11.98 -7.30
C GLY A 89 7.91 -11.32 -6.03
N ALA A 90 8.07 -12.12 -4.97
CA ALA A 90 8.46 -11.58 -3.67
C ALA A 90 9.93 -11.19 -3.68
N LEU A 91 10.74 -11.95 -4.40
CA LEU A 91 12.16 -11.63 -4.49
C LEU A 91 12.33 -10.26 -5.16
N TRP A 92 11.67 -10.10 -6.31
CA TRP A 92 11.82 -8.91 -7.14
C TRP A 92 11.23 -7.64 -6.51
N THR A 93 10.09 -7.78 -5.84
CA THR A 93 9.43 -6.62 -5.27
C THR A 93 9.93 -6.27 -3.88
N TRP A 94 10.48 -7.24 -3.17
CA TRP A 94 10.71 -7.03 -1.74
C TRP A 94 12.07 -7.50 -1.20
N ALA A 95 12.35 -8.79 -1.36
CA ALA A 95 13.52 -9.38 -0.76
C ALA A 95 14.83 -8.70 -1.14
N TRP A 96 14.97 -8.28 -2.39
CA TRP A 96 16.23 -7.66 -2.82
C TRP A 96 16.29 -6.16 -2.60
N ARG A 97 15.18 -5.59 -2.14
CA ARG A 97 15.12 -4.15 -1.85
C ARG A 97 15.68 -3.87 -0.46
N GLY A 98 16.73 -3.06 -0.40
CA GLY A 98 17.27 -2.62 0.88
C GLY A 98 16.31 -1.71 1.63
N PRO A 99 16.56 -1.48 2.92
CA PRO A 99 15.64 -0.70 3.78
C PRO A 99 15.37 0.73 3.27
N LYS A 100 16.42 1.41 2.79
CA LYS A 100 16.25 2.74 2.27
C LYS A 100 15.45 2.68 0.96
N ALA A 101 15.80 1.73 0.10
CA ALA A 101 15.05 1.57 -1.16
C ALA A 101 13.56 1.34 -0.87
N ARG A 102 13.26 0.50 0.11
CA ARG A 102 11.86 0.18 0.43
C ARG A 102 11.10 1.43 0.84
N GLN A 103 11.75 2.27 1.65
CA GLN A 103 11.13 3.49 2.11
C GLN A 103 10.88 4.46 0.96
N GLU A 104 11.80 4.48 0.00
CA GLU A 104 11.62 5.33 -1.18
C GLU A 104 10.55 4.80 -2.12
N LEU A 105 10.52 3.50 -2.31
CA LEU A 105 9.63 2.94 -3.33
C LEU A 105 8.18 2.73 -2.84
N LEU A 106 8.00 2.53 -1.54
CA LEU A 106 6.65 2.36 -1.00
C LEU A 106 6.20 3.68 -0.40
N LYS A 107 6.15 4.70 -1.26
CA LYS A 107 5.81 6.05 -0.89
C LYS A 107 4.51 6.34 -1.62
N ALA A 108 3.47 6.67 -0.86
CA ALA A 108 2.13 6.79 -1.39
C ALA A 108 2.03 7.63 -2.66
N GLU A 109 2.66 8.79 -2.67
CA GLU A 109 2.53 9.74 -3.77
C GLU A 109 3.29 9.32 -5.02
N GLN A 110 4.08 8.25 -4.89
CA GLN A 110 4.99 7.83 -5.95
C GLN A 110 4.69 6.43 -6.48
N VAL A 111 3.53 5.88 -6.10
CA VAL A 111 3.10 4.58 -6.60
C VAL A 111 1.70 4.68 -7.22
N GLU A 112 1.33 3.66 -7.99
CA GLU A 112 -0.02 3.56 -8.54
C GLU A 112 -0.45 2.10 -8.69
N VAL A 113 -1.74 1.86 -8.72
CA VAL A 113 -2.25 0.51 -8.95
C VAL A 113 -1.64 -0.12 -10.20
N ASP A 114 -1.25 -1.39 -10.07
CA ASP A 114 -0.72 -2.18 -11.18
C ASP A 114 -1.70 -3.31 -11.47
N ASP A 115 -2.34 -3.25 -12.64
CA ASP A 115 -3.35 -4.24 -13.00
C ASP A 115 -2.81 -5.43 -13.78
N GLN A 116 -1.48 -5.56 -13.83
CA GLN A 116 -0.85 -6.59 -14.65
C GLN A 116 -0.38 -7.80 -13.85
N GLY A 117 -0.99 -8.02 -12.68
CA GLY A 117 -0.70 -9.21 -11.91
C GLY A 117 -1.31 -10.48 -12.52
N THR A 118 -0.94 -11.62 -11.96
CA THR A 118 -1.44 -12.90 -12.44
C THR A 118 -2.91 -13.04 -12.05
N ILE A 119 -3.66 -13.79 -12.86
CA ILE A 119 -5.09 -13.97 -12.67
C ILE A 119 -5.46 -15.44 -12.73
N ASP A 120 -6.30 -15.88 -11.81
CA ASP A 120 -6.83 -17.23 -11.85
C ASP A 120 -8.31 -17.13 -12.14
N VAL A 121 -8.72 -17.36 -13.38
CA VAL A 121 -10.11 -17.22 -13.74
C VAL A 121 -10.98 -18.32 -13.12
N GLY A 122 -10.32 -19.38 -12.65
CA GLY A 122 -11.01 -20.47 -11.96
C GLY A 122 -12.21 -21.00 -12.73
N GLN A 123 -13.36 -21.03 -12.07
CA GLN A 123 -14.60 -21.46 -12.70
C GLN A 123 -15.54 -20.27 -12.94
N SER A 124 -14.97 -19.08 -13.13
CA SER A 124 -15.76 -17.86 -13.27
C SER A 124 -16.50 -17.79 -14.59
N GLY A 125 -16.02 -18.53 -15.57
CA GLY A 125 -16.57 -18.47 -16.92
C GLY A 125 -16.00 -17.32 -17.74
N LEU A 126 -14.98 -16.65 -17.19
CA LEU A 126 -14.34 -15.52 -17.86
C LEU A 126 -13.01 -15.91 -18.49
N SER A 127 -12.71 -15.34 -19.66
CA SER A 127 -11.38 -15.46 -20.22
C SER A 127 -10.43 -14.62 -19.39
N GLU A 128 -9.13 -14.94 -19.43
CA GLU A 128 -8.16 -14.13 -18.71
CA GLU A 128 -8.18 -14.14 -18.68
C GLU A 128 -8.21 -12.70 -19.17
N GLU A 129 -8.49 -12.50 -20.46
CA GLU A 129 -8.50 -11.17 -21.02
C GLU A 129 -9.66 -10.37 -20.44
N ALA A 130 -10.81 -11.02 -20.28
CA ALA A 130 -11.99 -10.38 -19.72
C ALA A 130 -11.77 -10.06 -18.24
N ALA A 131 -11.21 -11.03 -17.51
CA ALA A 131 -10.91 -10.85 -16.09
C ALA A 131 -9.88 -9.74 -15.91
N ARG A 132 -8.94 -9.65 -16.85
CA ARG A 132 -7.95 -8.56 -16.81
C ARG A 132 -8.64 -7.20 -16.97
N LEU A 133 -9.55 -7.10 -17.94
CA LEU A 133 -10.32 -5.88 -18.12
C LEU A 133 -11.11 -5.54 -16.87
N ARG A 134 -11.60 -6.57 -16.19
CA ARG A 134 -12.35 -6.37 -14.95
C ARG A 134 -11.44 -6.01 -13.78
N GLY A 135 -10.13 -5.98 -14.01
CA GLY A 135 -9.17 -5.57 -12.98
C GLY A 135 -8.77 -6.65 -11.98
N TRP A 136 -9.05 -7.91 -12.28
CA TRP A 136 -8.77 -8.96 -11.32
C TRP A 136 -7.27 -9.18 -11.12
N GLY A 137 -6.45 -8.63 -12.01
CA GLY A 137 -5.01 -8.75 -11.88
C GLY A 137 -4.41 -7.63 -11.05
N LYS A 138 -5.28 -6.84 -10.41
CA LYS A 138 -4.84 -5.75 -9.55
C LYS A 138 -4.54 -6.20 -8.13
N VAL A 139 -5.02 -7.39 -7.77
CA VAL A 139 -5.02 -7.80 -6.36
C VAL A 139 -4.42 -9.18 -6.11
N MET A 140 -4.07 -9.45 -4.85
CA MET A 140 -3.47 -10.71 -4.47
CA MET A 140 -3.48 -10.73 -4.46
C MET A 140 -4.31 -11.89 -4.97
N ARG A 141 -3.70 -12.76 -5.76
CA ARG A 141 -4.49 -13.77 -6.47
C ARG A 141 -5.18 -14.79 -5.56
N SER A 142 -4.41 -15.47 -4.73
CA SER A 142 -4.99 -16.51 -3.86
C SER A 142 -6.06 -15.96 -2.92
N ALA A 143 -5.84 -14.75 -2.40
CA ALA A 143 -6.76 -14.18 -1.42
C ALA A 143 -8.09 -13.74 -2.03
N TYR A 144 -8.05 -13.28 -3.27
CA TYR A 144 -9.21 -12.60 -3.86
C TYR A 144 -9.78 -13.18 -5.16
N ASN A 145 -8.95 -13.77 -6.02
CA ASN A 145 -9.48 -14.30 -7.29
C ASN A 145 -10.55 -15.40 -7.12
N PRO A 146 -10.35 -16.33 -6.19
CA PRO A 146 -11.40 -17.35 -5.97
C PRO A 146 -12.76 -16.75 -5.61
N VAL A 147 -12.83 -15.80 -4.69
CA VAL A 147 -14.15 -15.29 -4.31
C VAL A 147 -14.77 -14.43 -5.41
N MET A 148 -13.95 -13.71 -6.15
CA MET A 148 -14.46 -12.94 -7.26
C MET A 148 -15.05 -13.87 -8.32
N GLY A 149 -14.38 -14.99 -8.58
CA GLY A 149 -14.83 -15.92 -9.59
C GLY A 149 -16.05 -16.69 -9.11
N LEU A 150 -16.10 -16.95 -7.81
CA LEU A 150 -17.27 -17.66 -7.23
C LEU A 150 -18.53 -16.82 -7.33
N MET A 151 -18.44 -15.56 -6.93
CA MET A 151 -19.57 -14.66 -7.00
C MET A 151 -20.03 -14.52 -8.45
N GLU A 152 -19.07 -14.45 -9.36
CA GLU A 152 -19.40 -14.28 -10.77
C GLU A 152 -20.24 -15.47 -11.26
N ARG A 153 -19.77 -16.68 -10.99
CA ARG A 153 -20.49 -17.86 -11.48
C ARG A 153 -21.80 -18.07 -10.73
N ARG A 154 -21.77 -17.85 -9.42
CA ARG A 154 -23.01 -18.00 -8.64
C ARG A 154 -24.06 -17.00 -9.10
N LEU A 155 -23.68 -15.74 -9.26
CA LEU A 155 -24.66 -14.71 -9.61
C LEU A 155 -25.13 -14.80 -11.07
N ASP A 156 -24.33 -15.47 -11.89
CA ASP A 156 -24.67 -15.70 -13.30
C ASP A 156 -25.53 -16.96 -13.45
N ASN A 157 -25.75 -17.66 -12.35
CA ASN A 157 -26.48 -18.92 -12.37
C ASN A 157 -27.44 -19.08 -11.20
N ILE A 158 -28.43 -18.20 -11.10
CA ILE A 158 -29.38 -18.25 -9.99
C ILE A 158 -30.61 -19.08 -10.35
N VAL A 159 -31.23 -18.70 -11.47
CA VAL A 159 -32.39 -19.42 -11.97
C VAL A 159 -32.12 -19.82 -13.41
N SER A 160 -32.40 -21.08 -13.73
CA SER A 160 -32.40 -21.50 -15.13
C SER A 160 -33.60 -22.41 -15.37
N ARG A 161 -34.30 -22.19 -16.48
CA ARG A 161 -35.42 -23.06 -16.85
CA ARG A 161 -35.42 -23.06 -16.85
C ARG A 161 -36.42 -23.20 -15.70
N ARG A 162 -36.67 -22.09 -15.03
CA ARG A 162 -37.64 -22.00 -13.95
C ARG A 162 -37.32 -22.91 -12.76
N GLU A 163 -36.03 -23.16 -12.53
CA GLU A 163 -35.58 -23.84 -11.33
C GLU A 163 -34.44 -23.08 -10.70
N LEU A 164 -34.39 -23.08 -9.38
CA LEU A 164 -33.21 -22.58 -8.69
C LEU A 164 -32.03 -23.51 -8.95
N GLN A 165 -30.89 -22.92 -9.26
CA GLN A 165 -29.69 -23.69 -9.56
C GLN A 165 -28.93 -24.08 -8.29
N ALA A 166 -27.82 -24.79 -8.48
CA ALA A 166 -27.02 -25.33 -7.40
C ALA A 166 -26.64 -24.26 -6.38
N TRP A 167 -26.61 -24.66 -5.12
CA TRP A 167 -26.25 -23.80 -4.00
C TRP A 167 -27.39 -22.86 -3.61
N TRP A 168 -27.91 -22.12 -4.59
CA TRP A 168 -29.05 -21.23 -4.34
C TRP A 168 -30.26 -22.02 -3.87
N ASN A 169 -30.36 -23.27 -4.32
CA ASN A 169 -31.55 -24.07 -4.02
C ASN A 169 -31.51 -24.77 -2.67
N ASP A 170 -30.44 -24.57 -1.92
CA ASP A 170 -30.30 -25.23 -0.63
C ASP A 170 -29.47 -24.38 0.33
N GLU A 171 -28.15 -24.38 0.11
CA GLU A 171 -27.24 -23.66 0.99
C GLU A 171 -27.62 -22.18 1.21
N ALA A 172 -28.02 -21.49 0.16
CA ALA A 172 -28.37 -20.08 0.25
C ALA A 172 -29.55 -19.82 1.16
N LEU A 173 -30.38 -20.82 1.40
CA LEU A 173 -31.65 -20.61 2.12
C LEU A 173 -31.50 -20.70 3.64
N SER A 174 -30.27 -20.93 4.10
CA SER A 174 -29.96 -21.07 5.51
C SER A 174 -30.52 -19.91 6.37
N PRO A 175 -31.13 -20.23 7.52
CA PRO A 175 -31.51 -19.13 8.41
C PRO A 175 -30.28 -18.34 8.81
N PRO A 176 -30.32 -17.01 8.73
CA PRO A 176 -29.12 -16.20 9.01
C PRO A 176 -28.49 -16.50 10.37
N GLY A 177 -29.31 -16.85 11.37
CA GLY A 177 -28.78 -17.15 12.68
C GLY A 177 -27.85 -18.35 12.67
N ASP A 178 -28.16 -19.31 11.81
CA ASP A 178 -27.35 -20.51 11.67
C ASP A 178 -25.94 -20.12 11.21
N GLN A 179 -25.85 -18.98 10.52
CA GLN A 179 -24.60 -18.49 9.92
C GLN A 179 -23.90 -17.48 10.85
N GLY A 180 -24.42 -17.32 12.06
CA GLY A 180 -23.82 -16.43 13.04
C GLY A 180 -24.36 -15.00 13.02
N GLU A 181 -25.48 -14.76 12.35
CA GLU A 181 -26.07 -13.42 12.30
C GLU A 181 -26.53 -13.01 13.69
N GLU A 182 -26.17 -11.80 14.11
CA GLU A 182 -26.37 -11.38 15.50
C GLU A 182 -27.35 -10.23 15.73
N GLN A 183 -27.75 -9.52 14.68
CA GLN A 183 -28.66 -8.38 14.86
C GLN A 183 -30.11 -8.86 15.00
N GLY A 184 -30.44 -9.94 14.30
CA GLY A 184 -31.74 -10.58 14.45
C GLY A 184 -32.85 -9.92 13.66
N LYS A 185 -32.47 -9.04 12.73
CA LYS A 185 -33.47 -8.29 11.96
C LYS A 185 -33.74 -8.97 10.61
N VAL A 186 -32.69 -9.38 9.91
CA VAL A 186 -32.88 -9.92 8.58
C VAL A 186 -33.31 -11.38 8.60
N GLY A 187 -33.95 -11.82 7.52
CA GLY A 187 -34.46 -13.18 7.47
C GLY A 187 -33.81 -13.96 6.35
N PRO A 188 -34.18 -15.23 6.20
CA PRO A 188 -33.57 -16.06 5.16
C PRO A 188 -33.94 -15.55 3.77
N ILE A 189 -33.11 -15.90 2.79
CA ILE A 189 -33.44 -15.65 1.40
C ILE A 189 -34.63 -16.56 1.05
N ASP A 190 -35.57 -16.04 0.26
CA ASP A 190 -36.69 -16.84 -0.20
C ASP A 190 -36.74 -16.93 -1.72
N GLU A 191 -37.68 -17.72 -2.23
CA GLU A 191 -37.70 -18.00 -3.67
C GLU A 191 -38.04 -16.76 -4.49
N GLU A 192 -38.96 -15.94 -3.98
CA GLU A 192 -39.23 -14.62 -4.57
C GLU A 192 -37.98 -13.83 -4.84
N GLU A 193 -37.19 -13.70 -3.79
CA GLU A 193 -36.00 -12.86 -3.81
C GLU A 193 -35.01 -13.34 -4.86
N LEU A 194 -34.82 -14.66 -4.96
CA LEU A 194 -33.91 -15.20 -5.96
C LEU A 194 -34.47 -15.00 -7.37
N LEU A 195 -35.76 -15.18 -7.53
CA LEU A 195 -36.34 -14.96 -8.85
C LEU A 195 -36.14 -13.51 -9.26
N ARG A 196 -36.38 -12.61 -8.32
CA ARG A 196 -36.18 -11.20 -8.58
C ARG A 196 -34.71 -10.94 -8.92
N ALA A 197 -33.81 -11.52 -8.15
CA ALA A 197 -32.40 -11.24 -8.35
C ALA A 197 -31.94 -11.76 -9.71
N SER A 198 -32.55 -12.87 -10.16
CA SER A 198 -32.14 -13.50 -11.41
C SER A 198 -32.46 -12.64 -12.63
N ARG A 199 -33.23 -11.58 -12.42
CA ARG A 199 -33.55 -10.67 -13.51
C ARG A 199 -32.39 -9.76 -13.87
N TYR A 200 -31.37 -9.74 -13.01
CA TYR A 200 -30.22 -8.86 -13.21
C TYR A 200 -28.98 -9.61 -13.68
N GLN A 201 -28.12 -8.93 -14.42
CA GLN A 201 -26.83 -9.51 -14.81
C GLN A 201 -25.73 -8.93 -13.93
N PHE A 202 -25.18 -9.76 -13.05
CA PHE A 202 -24.14 -9.29 -12.15
C PHE A 202 -22.80 -9.54 -12.81
N ASP A 203 -21.89 -8.58 -12.69
CA ASP A 203 -20.51 -8.72 -13.13
C ASP A 203 -19.61 -8.19 -12.01
N VAL A 204 -18.55 -8.92 -11.68
CA VAL A 204 -17.65 -8.49 -10.61
C VAL A 204 -16.47 -7.70 -11.17
N TRP A 205 -16.32 -6.46 -10.70
CA TRP A 205 -15.22 -5.59 -11.11
C TRP A 205 -14.33 -5.38 -9.90
N CYS A 206 -13.03 -5.24 -10.12
CA CYS A 206 -12.08 -5.22 -9.01
C CYS A 206 -11.48 -3.83 -8.81
N ALA A 207 -11.91 -3.17 -7.74
CA ALA A 207 -11.46 -1.81 -7.46
C ALA A 207 -10.21 -1.79 -6.60
N GLY A 208 -9.11 -2.33 -7.14
CA GLY A 208 -7.83 -2.22 -6.45
C GLY A 208 -7.51 -0.75 -6.19
N TYR A 209 -6.74 -0.48 -5.16
CA TYR A 209 -6.45 0.90 -4.79
C TYR A 209 -5.08 1.04 -4.13
N ASN A 210 -4.57 2.26 -4.15
CA ASN A 210 -3.27 2.56 -3.58
C ASN A 210 -3.41 2.59 -2.06
N TRP A 211 -3.13 1.46 -1.42
CA TRP A 211 -3.33 1.31 0.02
C TRP A 211 -2.36 2.11 0.88
N LEU A 212 -1.29 2.65 0.28
CA LEU A 212 -0.37 3.50 1.03
C LEU A 212 -0.95 4.89 1.31
N GLN A 213 -1.80 5.37 0.42
CA GLN A 213 -2.35 6.69 0.59
C GLN A 213 -3.53 6.62 1.56
N SER A 214 -4.00 7.78 2.01
CA SER A 214 -5.17 7.81 2.87
C SER A 214 -6.36 7.11 2.22
N ASN A 215 -7.10 6.35 3.01
CA ASN A 215 -8.32 5.76 2.52
C ASN A 215 -9.33 6.80 2.10
N ARG A 216 -9.19 8.01 2.64
CA ARG A 216 -9.96 9.15 2.17
C ARG A 216 -9.77 9.37 0.67
N GLN A 217 -8.51 9.31 0.21
CA GLN A 217 -8.24 9.52 -1.21
C GLN A 217 -8.60 8.27 -2.05
N SER A 218 -8.41 7.10 -1.47
CA SER A 218 -8.78 5.87 -2.17
C SER A 218 -10.27 5.80 -2.49
N ALA A 219 -11.09 6.38 -1.61
CA ALA A 219 -12.52 6.46 -1.88
C ALA A 219 -12.76 7.25 -3.17
N LEU A 220 -12.04 8.35 -3.33
CA LEU A 220 -12.14 9.16 -4.54
C LEU A 220 -11.70 8.34 -5.76
N ASP A 221 -10.63 7.57 -5.61
CA ASP A 221 -10.14 6.77 -6.72
C ASP A 221 -11.15 5.68 -7.12
N VAL A 222 -11.86 5.14 -6.13
CA VAL A 222 -12.86 4.11 -6.42
C VAL A 222 -14.08 4.71 -7.12
N ARG A 223 -14.50 5.89 -6.65
CA ARG A 223 -15.54 6.63 -7.33
C ARG A 223 -15.16 6.79 -8.81
N ASP A 224 -13.95 7.28 -9.07
CA ASP A 224 -13.55 7.51 -10.45
C ASP A 224 -13.57 6.21 -11.26
N TYR A 225 -13.14 5.11 -10.63
CA TYR A 225 -13.11 3.81 -11.29
C TYR A 225 -14.53 3.42 -11.70
N ILE A 226 -15.47 3.53 -10.78
CA ILE A 226 -16.85 3.17 -11.10
C ILE A 226 -17.42 4.08 -12.19
N GLU A 227 -17.27 5.39 -12.03
CA GLU A 227 -17.91 6.35 -12.92
C GLU A 227 -17.24 6.43 -14.30
N ASN A 228 -15.94 6.18 -14.35
CA ASN A 228 -15.18 6.38 -15.59
C ASN A 228 -14.71 5.10 -16.28
N THR A 229 -14.73 3.97 -15.58
CA THR A 229 -14.37 2.71 -16.22
C THR A 229 -15.53 1.72 -16.24
N VAL A 230 -16.07 1.41 -15.08
CA VAL A 230 -17.12 0.40 -15.00
C VAL A 230 -18.38 0.80 -15.77
N LEU A 231 -18.95 1.95 -15.47
CA LEU A 231 -20.24 2.29 -16.07
C LEU A 231 -20.13 2.54 -17.58
N PRO A 232 -19.05 3.22 -18.02
CA PRO A 232 -18.94 3.43 -19.47
C PRO A 232 -18.86 2.13 -20.26
N PHE A 233 -18.30 1.07 -19.68
CA PHE A 233 -18.36 -0.22 -20.37
C PHE A 233 -19.82 -0.59 -20.68
N TYR A 234 -20.71 -0.44 -19.71
CA TYR A 234 -22.11 -0.82 -19.93
C TYR A 234 -22.82 0.18 -20.84
N GLN A 235 -22.45 1.45 -20.75
CA GLN A 235 -23.01 2.45 -21.66
C GLN A 235 -22.79 1.98 -23.10
N LYS A 236 -21.54 1.62 -23.41
CA LYS A 236 -21.18 1.21 -24.76
C LYS A 236 -21.76 -0.16 -25.13
N GLU A 237 -21.64 -1.11 -24.21
CA GLU A 237 -22.03 -2.48 -24.49
C GLU A 237 -23.54 -2.62 -24.64
N CYS A 238 -24.29 -1.90 -23.81
CA CYS A 238 -25.73 -2.04 -23.76
C CYS A 238 -26.44 -0.89 -24.46
N GLY A 239 -25.68 0.03 -25.05
CA GLY A 239 -26.26 1.18 -25.74
C GLY A 239 -27.19 1.97 -24.86
N LEU A 240 -26.70 2.37 -23.68
CA LEU A 240 -27.51 3.07 -22.70
C LEU A 240 -27.46 4.57 -22.90
N ASP A 241 -28.61 5.23 -22.81
CA ASP A 241 -28.64 6.68 -22.89
C ASP A 241 -28.27 7.22 -21.51
N PRO A 242 -28.03 8.53 -21.41
CA PRO A 242 -27.58 9.12 -20.15
C PRO A 242 -28.52 8.90 -18.96
N GLU A 243 -29.83 8.95 -19.18
CA GLU A 243 -30.77 8.68 -18.08
C GLU A 243 -30.61 7.27 -17.52
N GLN A 244 -30.52 6.29 -18.41
CA GLN A 244 -30.31 4.90 -18.00
C GLN A 244 -29.02 4.76 -17.20
N MET A 245 -27.98 5.44 -17.64
CA MET A 245 -26.71 5.47 -16.92
C MET A 245 -26.91 5.99 -15.52
N ARG A 246 -27.53 7.15 -15.43
CA ARG A 246 -27.77 7.81 -14.15
C ARG A 246 -28.51 6.89 -13.20
N ARG A 247 -29.37 6.04 -13.74
CA ARG A 247 -30.22 5.17 -12.91
CA ARG A 247 -30.22 5.17 -12.91
C ARG A 247 -29.48 3.92 -12.44
N MET A 248 -28.34 3.64 -13.06
CA MET A 248 -27.59 2.43 -12.66
C MET A 248 -27.13 2.52 -11.21
N LYS A 249 -27.09 1.37 -10.53
CA LYS A 249 -26.57 1.28 -9.16
C LYS A 249 -25.54 0.16 -9.09
N VAL A 250 -24.68 0.18 -8.08
CA VAL A 250 -23.71 -0.90 -7.91
C VAL A 250 -23.76 -1.41 -6.46
N ILE A 251 -23.21 -2.58 -6.22
CA ILE A 251 -23.12 -3.13 -4.86
C ILE A 251 -21.65 -3.29 -4.52
N LEU A 252 -21.23 -2.77 -3.37
CA LEU A 252 -19.84 -2.91 -2.94
C LEU A 252 -19.67 -4.20 -2.14
N VAL A 253 -18.57 -4.90 -2.37
CA VAL A 253 -18.20 -6.06 -1.54
C VAL A 253 -16.76 -5.81 -1.15
N THR A 254 -16.52 -5.66 0.15
CA THR A 254 -15.21 -5.23 0.62
C THR A 254 -14.51 -6.25 1.48
N HIS A 255 -13.19 -6.23 1.44
CA HIS A 255 -12.37 -7.02 2.36
C HIS A 255 -11.54 -6.11 3.25
N SER A 256 -11.57 -6.36 4.55
CA SER A 256 -10.59 -5.72 5.43
C SER A 256 -10.67 -4.18 5.33
N MET A 257 -9.53 -3.50 5.20
CA MET A 257 -9.54 -2.05 5.18
CA MET A 257 -9.53 -2.04 5.17
C MET A 257 -10.28 -1.47 3.97
N GLY A 258 -10.57 -2.32 3.00
CA GLY A 258 -11.40 -1.90 1.88
C GLY A 258 -12.76 -1.41 2.38
N GLY A 259 -13.14 -1.85 3.57
CA GLY A 259 -14.38 -1.39 4.17
C GLY A 259 -14.33 0.06 4.63
N LEU A 260 -13.15 0.51 5.00
CA LEU A 260 -12.98 1.92 5.37
C LEU A 260 -13.02 2.78 4.10
N VAL A 261 -12.44 2.28 3.02
CA VAL A 261 -12.51 2.96 1.73
C VAL A 261 -13.98 3.12 1.34
N ALA A 262 -14.74 2.04 1.45
CA ALA A 262 -16.15 2.04 1.09
C ALA A 262 -16.94 3.05 1.94
N ARG A 263 -16.69 3.06 3.23
CA ARG A 263 -17.41 3.99 4.09
C ARG A 263 -17.06 5.44 3.79
N ALA A 264 -15.79 5.72 3.55
CA ALA A 264 -15.39 7.06 3.11
C ALA A 264 -16.16 7.44 1.85
N LEU A 265 -16.28 6.50 0.91
CA LEU A 265 -16.98 6.73 -0.33
C LEU A 265 -18.48 7.03 -0.16
N THR A 266 -19.19 6.19 0.59
CA THR A 266 -20.64 6.35 0.74
C THR A 266 -21.07 7.30 1.86
N GLN A 267 -20.24 7.45 2.89
CA GLN A 267 -20.62 8.18 4.09
C GLN A 267 -20.07 9.61 4.21
N LEU A 268 -18.95 9.89 3.55
CA LEU A 268 -18.34 11.22 3.59
C LEU A 268 -18.62 12.02 2.33
N HIS A 269 -19.32 11.41 1.37
CA HIS A 269 -19.69 12.09 0.14
C HIS A 269 -21.10 11.64 -0.22
N GLY A 270 -21.74 12.38 -1.13
CA GLY A 270 -23.03 11.95 -1.64
C GLY A 270 -22.77 10.97 -2.75
N TYR A 271 -22.96 9.69 -2.47
CA TYR A 271 -22.72 8.69 -3.50
C TYR A 271 -23.82 7.65 -3.47
N GLU A 272 -24.99 8.06 -3.94
CA GLU A 272 -26.18 7.23 -3.97
CA GLU A 272 -26.16 7.19 -3.93
C GLU A 272 -26.06 6.12 -5.01
N ARG A 273 -25.01 6.19 -5.83
CA ARG A 273 -24.73 5.14 -6.80
C ARG A 273 -24.66 3.77 -6.14
N VAL A 274 -24.26 3.74 -4.87
CA VAL A 274 -24.12 2.48 -4.15
C VAL A 274 -25.44 2.05 -3.53
N LEU A 275 -25.91 0.87 -3.93
CA LEU A 275 -27.21 0.36 -3.50
C LEU A 275 -27.13 -0.24 -2.10
N GLY A 276 -25.98 -0.82 -1.80
CA GLY A 276 -25.77 -1.49 -0.52
C GLY A 276 -24.34 -1.95 -0.40
N VAL A 277 -23.95 -2.41 0.78
CA VAL A 277 -22.55 -2.75 1.02
C VAL A 277 -22.43 -4.03 1.82
N VAL A 278 -21.56 -4.91 1.33
CA VAL A 278 -21.08 -6.06 2.06
C VAL A 278 -19.66 -5.76 2.56
N HIS A 279 -19.46 -5.91 3.87
CA HIS A 279 -18.14 -5.82 4.48
C HIS A 279 -17.70 -7.16 5.03
N GLY A 280 -16.48 -7.56 4.70
CA GLY A 280 -15.85 -8.73 5.30
C GLY A 280 -14.63 -8.28 6.11
N VAL A 281 -14.54 -8.80 7.33
CA VAL A 281 -13.42 -8.55 8.25
C VAL A 281 -12.90 -7.11 8.30
N GLN A 282 -13.82 -6.14 8.39
CA GLN A 282 -13.43 -4.74 8.45
C GLN A 282 -12.87 -4.43 9.84
N PRO A 283 -11.69 -3.82 9.89
CA PRO A 283 -11.21 -3.27 11.16
C PRO A 283 -11.83 -1.87 11.33
N ALA A 284 -13.11 -1.86 11.70
CA ALA A 284 -13.96 -0.67 11.63
C ALA A 284 -13.40 0.44 12.49
N THR A 285 -12.80 0.06 13.61
CA THR A 285 -12.21 1.02 14.52
C THR A 285 -10.71 0.81 14.64
N GLY A 286 -10.14 0.02 13.73
CA GLY A 286 -8.69 -0.17 13.73
C GLY A 286 -8.25 -1.48 14.34
N SER A 287 -6.96 -1.59 14.64
CA SER A 287 -6.37 -2.85 15.12
C SER A 287 -5.09 -2.63 15.91
N SER A 288 -5.07 -3.13 17.14
CA SER A 288 -3.87 -3.07 17.97
C SER A 288 -2.65 -3.79 17.33
N THR A 289 -2.90 -4.63 16.33
CA THR A 289 -1.75 -5.30 15.71
C THR A 289 -0.75 -4.31 15.14
N ILE A 290 -1.18 -3.13 14.74
CA ILE A 290 -0.25 -2.15 14.15
C ILE A 290 0.85 -1.79 15.14
N TYR A 291 0.49 -1.77 16.43
CA TYR A 291 1.50 -1.51 17.46
C TYR A 291 2.50 -2.65 17.52
N HIS A 292 2.02 -3.89 17.53
CA HIS A 292 2.94 -5.02 17.55
C HIS A 292 3.91 -4.92 16.39
N HIS A 293 3.37 -4.74 15.18
CA HIS A 293 4.21 -4.76 13.99
C HIS A 293 5.23 -3.64 13.94
N MET A 294 4.84 -2.44 14.36
CA MET A 294 5.75 -1.30 14.36
C MET A 294 6.83 -1.43 15.42
N ARG A 295 6.54 -2.13 16.51
CA ARG A 295 7.55 -2.29 17.56
C ARG A 295 8.37 -3.58 17.45
N CYS A 296 7.85 -4.60 16.75
CA CYS A 296 8.49 -5.92 16.73
C CYS A 296 8.77 -6.52 15.36
N GLY A 297 8.24 -5.90 14.30
CA GLY A 297 8.24 -6.52 12.98
C GLY A 297 7.05 -7.45 12.81
N TYR A 298 6.78 -7.86 11.58
CA TYR A 298 5.78 -8.90 11.35
C TYR A 298 6.33 -10.25 11.80
N GLU A 299 5.43 -11.17 12.14
CA GLU A 299 5.80 -12.53 12.50
C GLU A 299 6.14 -13.35 11.25
N GLY A 300 6.95 -14.40 11.43
CA GLY A 300 7.42 -15.21 10.32
C GLY A 300 6.29 -15.90 9.57
N ILE A 301 5.18 -16.15 10.25
CA ILE A 301 4.04 -16.82 9.64
C ILE A 301 3.25 -15.93 8.65
N ALA A 302 3.50 -14.62 8.66
CA ALA A 302 2.70 -13.71 7.85
C ALA A 302 2.98 -13.83 6.36
N GLN A 303 1.90 -13.90 5.56
CA GLN A 303 2.03 -13.94 4.11
C GLN A 303 2.43 -12.60 3.52
N VAL A 304 1.94 -11.53 4.15
CA VAL A 304 2.22 -10.19 3.65
C VAL A 304 2.79 -9.35 4.77
N VAL A 305 3.96 -8.75 4.52
CA VAL A 305 4.72 -8.09 5.58
C VAL A 305 5.34 -6.80 5.09
N LEU A 306 5.62 -5.87 6.01
CA LEU A 306 6.37 -4.67 5.67
C LEU A 306 7.70 -4.62 6.42
N GLY A 307 8.09 -5.74 7.03
CA GLY A 307 9.38 -5.81 7.69
C GLY A 307 9.45 -6.87 8.76
N ARG A 308 10.67 -7.22 9.15
CA ARG A 308 10.89 -8.30 10.11
C ARG A 308 11.36 -7.78 11.48
N ASN A 309 11.45 -6.47 11.60
CA ASN A 309 11.71 -5.84 12.89
C ASN A 309 11.10 -4.44 12.91
N ALA A 310 11.18 -3.79 14.06
CA ALA A 310 10.59 -2.48 14.25
C ALA A 310 11.02 -1.47 13.18
N GLY A 311 12.31 -1.37 12.94
CA GLY A 311 12.84 -0.34 12.06
C GLY A 311 12.34 -0.51 10.63
N GLU A 312 12.23 -1.76 10.18
CA GLU A 312 11.77 -2.03 8.82
C GLU A 312 10.30 -1.64 8.64
N VAL A 313 9.47 -2.04 9.59
CA VAL A 313 8.05 -1.74 9.47
C VAL A 313 7.82 -0.27 9.66
N THR A 314 8.46 0.31 10.67
CA THR A 314 8.25 1.71 11.00
C THR A 314 8.66 2.62 9.85
N ALA A 315 9.73 2.27 9.15
CA ALA A 315 10.20 3.09 8.03
C ALA A 315 9.14 3.28 6.94
N ILE A 316 8.32 2.24 6.74
CA ILE A 316 7.26 2.33 5.75
C ILE A 316 5.94 2.85 6.35
N VAL A 317 5.48 2.20 7.42
CA VAL A 317 4.15 2.50 7.95
C VAL A 317 4.04 3.93 8.48
N ALA A 318 5.07 4.42 9.16
CA ALA A 318 5.01 5.72 9.81
C ALA A 318 4.96 6.86 8.81
N ASN A 319 5.19 6.55 7.53
CA ASN A 319 5.07 7.53 6.45
C ASN A 319 3.85 7.38 5.55
N SER A 320 2.98 6.45 5.91
CA SER A 320 1.84 6.09 5.08
C SER A 320 0.53 6.30 5.81
N ALA A 321 -0.29 7.22 5.29
CA ALA A 321 -1.58 7.52 5.89
C ALA A 321 -2.48 6.29 5.83
N GLY A 322 -2.46 5.60 4.70
CA GLY A 322 -3.27 4.40 4.54
C GLY A 322 -2.95 3.34 5.57
N ALA A 323 -1.66 3.15 5.84
CA ALA A 323 -1.24 2.12 6.78
C ALA A 323 -1.55 2.54 8.22
N LEU A 324 -1.22 3.79 8.54
CA LEU A 324 -1.43 4.32 9.89
C LEU A 324 -2.90 4.39 10.24
N GLU A 325 -3.76 4.50 9.24
CA GLU A 325 -5.19 4.61 9.48
C GLU A 325 -5.77 3.31 10.07
N LEU A 326 -4.99 2.23 10.05
CA LEU A 326 -5.40 1.00 10.70
C LEU A 326 -5.25 1.09 12.23
N ALA A 327 -4.57 2.13 12.71
CA ALA A 327 -4.34 2.26 14.15
C ALA A 327 -5.68 2.39 14.89
N PRO A 328 -5.77 1.84 16.11
CA PRO A 328 -7.03 1.98 16.85
C PRO A 328 -7.49 3.44 16.99
N SER A 329 -8.79 3.68 16.81
CA SER A 329 -9.36 5.01 16.95
C SER A 329 -9.61 5.32 18.42
N ALA A 330 -10.16 6.49 18.71
CA ALA A 330 -10.55 6.81 20.09
C ALA A 330 -11.72 5.94 20.57
N GLU A 331 -12.52 5.46 19.62
CA GLU A 331 -13.73 4.69 19.91
C GLU A 331 -13.48 3.18 19.97
N TYR A 332 -12.29 2.77 19.54
CA TYR A 332 -11.90 1.37 19.54
C TYR A 332 -12.09 0.79 20.93
N ARG A 333 -12.71 -0.39 21.02
CA ARG A 333 -12.86 -1.07 22.32
C ARG A 333 -13.68 -0.18 23.28
N GLU A 334 -14.61 0.57 22.71
CA GLU A 334 -15.47 1.47 23.45
C GLU A 334 -14.66 2.39 24.37
N GLY A 335 -13.48 2.79 23.90
CA GLY A 335 -12.64 3.72 24.63
C GLY A 335 -11.76 3.10 25.71
N ARG A 336 -11.86 1.78 25.89
CA ARG A 336 -11.06 1.13 26.93
C ARG A 336 -9.62 0.89 26.48
N PRO A 337 -8.70 0.70 27.44
CA PRO A 337 -7.29 0.47 27.10
C PRO A 337 -7.03 -0.87 26.43
N TRP A 338 -5.97 -0.92 25.64
CA TRP A 338 -5.53 -2.13 24.96
C TRP A 338 -4.03 -2.34 25.07
N LEU A 339 -3.32 -1.36 25.64
CA LEU A 339 -1.88 -1.46 25.75
C LEU A 339 -1.56 -1.48 27.23
N PHE A 340 -1.06 -2.62 27.70
CA PHE A 340 -0.91 -2.85 29.13
C PHE A 340 0.54 -3.04 29.55
N LEU A 341 0.95 -2.31 30.57
CA LEU A 341 2.27 -2.47 31.14
C LEU A 341 2.12 -3.25 32.45
N CYS A 342 2.64 -4.47 32.48
CA CYS A 342 2.39 -5.40 33.60
C CYS A 342 3.70 -5.84 34.24
N ASP A 343 3.61 -6.31 35.48
CA ASP A 343 4.77 -6.86 36.15
C ASP A 343 4.93 -8.35 35.84
N ALA A 344 5.96 -8.97 36.43
CA ALA A 344 6.26 -10.38 36.20
C ALA A 344 5.09 -11.31 36.51
N GLN A 345 4.21 -10.90 37.43
CA GLN A 345 3.04 -11.71 37.77
C GLN A 345 1.84 -11.42 36.88
N GLY A 346 2.03 -10.54 35.89
CA GLY A 346 0.98 -10.23 34.94
C GLY A 346 0.04 -9.14 35.41
N GLN A 347 0.35 -8.52 36.54
CA GLN A 347 -0.51 -7.49 37.10
C GLN A 347 -0.15 -6.14 36.52
N VAL A 348 -1.17 -5.38 36.16
CA VAL A 348 -0.98 -4.07 35.55
C VAL A 348 -0.31 -3.12 36.55
N LEU A 349 0.72 -2.44 36.09
CA LEU A 349 1.53 -1.55 36.91
C LEU A 349 0.80 -0.23 37.19
N LYS A 350 1.33 0.56 38.13
CA LYS A 350 0.75 1.85 38.47
C LYS A 350 1.67 2.97 38.00
N ASP A 351 1.08 4.09 37.57
CA ASP A 351 1.88 5.25 37.15
C ASP A 351 2.15 6.23 38.30
N ILE A 352 2.68 7.39 37.95
CA ILE A 352 3.07 8.41 38.92
C ILE A 352 1.91 8.82 39.83
N ASP A 353 0.69 8.75 39.31
CA ASP A 353 -0.48 9.12 40.10
C ASP A 353 -1.20 7.92 40.68
N GLY A 354 -0.57 6.75 40.59
CA GLY A 354 -1.14 5.53 41.16
C GLY A 354 -2.25 4.93 40.30
N LYS A 355 -2.32 5.35 39.05
CA LYS A 355 -3.33 4.85 38.12
C LYS A 355 -2.78 3.72 37.25
N PRO A 356 -3.65 2.78 36.84
CA PRO A 356 -3.17 1.63 36.07
C PRO A 356 -2.49 2.07 34.78
N ARG A 357 -1.36 1.45 34.46
CA ARG A 357 -0.67 1.74 33.21
C ARG A 357 -1.29 0.90 32.09
N ALA A 358 -2.51 1.29 31.75
CA ALA A 358 -3.34 0.66 30.74
C ALA A 358 -3.76 1.79 29.81
N TYR A 359 -3.27 1.76 28.57
CA TYR A 359 -3.43 2.89 27.66
C TYR A 359 -4.31 2.53 26.48
N PRO A 360 -5.07 3.50 25.95
CA PRO A 360 -5.20 4.88 26.46
C PRO A 360 -5.84 4.90 27.84
N GLN A 361 -5.42 5.86 28.66
CA GLN A 361 -5.99 6.06 30.00
C GLN A 361 -7.16 7.03 29.93
N ASN A 362 -7.10 7.95 28.95
CA ASN A 362 -8.17 8.93 28.80
CA ASN A 362 -8.11 8.98 28.80
C ASN A 362 -8.69 9.05 27.38
N GLN A 363 -8.84 7.90 26.73
CA GLN A 363 -9.47 7.80 25.42
C GLN A 363 -8.84 8.64 24.33
N ASP A 364 -7.52 8.84 24.41
CA ASP A 364 -6.81 9.56 23.36
C ASP A 364 -5.54 8.82 22.97
N PRO A 365 -5.68 7.79 22.13
CA PRO A 365 -4.53 7.00 21.71
C PRO A 365 -3.56 7.83 20.90
N TYR A 366 -4.06 8.87 20.22
CA TYR A 366 -3.21 9.70 19.39
C TYR A 366 -2.10 10.38 20.19
N GLU A 367 -2.48 11.00 21.31
CA GLU A 367 -1.49 11.68 22.14
C GLU A 367 -0.83 10.74 23.15
N GLU A 368 -1.62 9.83 23.70
CA GLU A 368 -1.12 8.94 24.74
C GLU A 368 -0.15 7.87 24.24
N ILE A 369 -0.33 7.43 23.01
CA ILE A 369 0.46 6.32 22.47
C ILE A 369 1.17 6.70 21.18
N TYR A 370 0.42 7.13 20.17
CA TYR A 370 0.98 7.27 18.82
C TYR A 370 2.07 8.34 18.70
N LYS A 371 1.88 9.50 19.34
CA LYS A 371 2.89 10.56 19.34
C LYS A 371 3.83 10.50 20.54
N ASN A 372 3.50 9.67 21.52
CA ASN A 372 4.36 9.49 22.69
C ASN A 372 5.75 8.96 22.31
N THR A 373 6.80 9.65 22.74
CA THR A 373 8.15 9.26 22.37
C THR A 373 8.90 8.47 23.43
N THR A 374 8.23 8.16 24.54
CA THR A 374 8.83 7.33 25.58
C THR A 374 8.91 5.88 25.12
N TRP A 375 9.55 5.04 25.92
CA TRP A 375 9.78 3.65 25.54
C TRP A 375 8.52 2.87 25.09
N TYR A 376 7.34 3.25 25.59
CA TYR A 376 6.14 2.48 25.25
C TYR A 376 5.34 3.12 24.13
N GLY A 377 5.87 4.20 23.55
CA GLY A 377 5.18 4.88 22.46
C GLY A 377 5.25 4.09 21.18
N LEU A 378 4.44 4.48 20.20
CA LEU A 378 4.39 3.76 18.92
C LEU A 378 5.72 3.87 18.18
N VAL A 379 6.28 5.08 18.19
CA VAL A 379 7.63 5.32 17.67
C VAL A 379 8.48 5.96 18.76
N PRO A 380 9.03 5.11 19.64
CA PRO A 380 9.91 5.63 20.70
C PRO A 380 11.10 6.35 20.08
N GLU A 381 11.77 7.15 20.89
CA GLU A 381 12.90 7.92 20.43
C GLU A 381 13.93 7.04 19.71
N GLN A 382 14.12 5.82 20.21
CA GLN A 382 15.09 4.93 19.61
C GLN A 382 14.78 4.64 18.14
N ASN A 383 13.53 4.87 17.75
CA ASN A 383 13.08 4.52 16.40
C ASN A 383 12.85 5.72 15.48
N SER A 384 13.16 6.92 15.98
CA SER A 384 13.02 8.13 15.19
C SER A 384 13.88 8.09 13.93
N GLN A 385 15.01 7.39 14.03
CA GLN A 385 15.99 7.30 12.94
C GLN A 385 15.37 6.68 11.71
N TYR A 386 14.30 5.92 11.91
CA TYR A 386 13.66 5.21 10.80
C TYR A 386 12.61 6.03 10.05
N LEU A 387 12.21 7.17 10.62
CA LEU A 387 11.16 7.98 9.99
C LEU A 387 11.56 8.54 8.62
N ASP A 388 12.80 8.99 8.53
CA ASP A 388 13.34 9.51 7.27
C ASP A 388 14.82 9.16 7.23
N MET A 389 15.17 8.16 6.43
CA MET A 389 16.54 7.68 6.41
C MET A 389 17.37 8.36 5.33
N SER A 390 16.82 9.39 4.68
CA SER A 390 17.41 9.93 3.46
C SER A 390 18.66 10.78 3.71
N ASP A 391 18.79 11.30 4.91
CA ASP A 391 19.87 12.21 5.22
C ASP A 391 19.74 12.59 6.69
N LYS A 392 20.81 13.14 7.26
CA LYS A 392 20.75 13.64 8.62
C LYS A 392 19.70 14.74 8.68
N LYS A 393 18.95 14.78 9.77
CA LYS A 393 17.87 15.75 9.94
C LYS A 393 18.20 17.13 9.37
N GLU A 394 19.47 17.53 9.46
CA GLU A 394 19.88 18.91 9.24
C GLU A 394 19.53 19.57 7.90
N GLY A 395 19.81 18.89 6.79
CA GLY A 395 19.62 19.47 5.47
C GLY A 395 18.23 19.26 4.88
N LEU A 396 17.36 18.57 5.61
CA LEU A 396 16.03 18.23 5.10
C LEU A 396 15.08 19.41 5.02
N ARG A 397 14.06 19.30 4.16
CA ARG A 397 13.07 20.35 4.02
C ARG A 397 11.97 20.19 5.06
N VAL A 398 11.81 18.97 5.56
CA VAL A 398 10.76 18.68 6.53
C VAL A 398 11.34 17.78 7.61
N GLY A 399 11.02 18.11 8.86
CA GLY A 399 11.47 17.32 9.99
C GLY A 399 10.67 16.05 10.06
N PRO A 400 11.34 14.91 10.28
CA PRO A 400 10.69 13.59 10.26
C PRO A 400 9.56 13.50 11.29
N ARG A 401 9.79 14.02 12.48
CA ARG A 401 8.79 13.96 13.54
C ARG A 401 7.66 14.94 13.25
N ASP A 402 7.97 16.08 12.66
CA ASP A 402 6.95 17.05 12.25
C ASP A 402 5.97 16.36 11.32
N ASN A 403 6.51 15.68 10.32
CA ASN A 403 5.69 14.98 9.33
C ASN A 403 4.84 13.92 10.00
N PHE A 404 5.48 13.10 10.84
CA PHE A 404 4.78 12.02 11.52
C PHE A 404 3.65 12.52 12.42
N GLU A 405 3.89 13.58 13.21
CA GLU A 405 2.85 14.07 14.09
C GLU A 405 1.67 14.66 13.31
N ASP A 406 1.96 15.36 12.22
CA ASP A 406 0.88 15.87 11.38
C ASP A 406 0.08 14.71 10.78
N LEU A 407 0.76 13.62 10.42
CA LEU A 407 0.07 12.47 9.85
CA LEU A 407 0.08 12.46 9.85
C LEU A 407 -0.84 11.85 10.90
N ILE A 408 -0.37 11.77 12.14
CA ILE A 408 -1.22 11.25 13.22
C ILE A 408 -2.45 12.14 13.41
N ASP A 409 -2.28 13.45 13.35
CA ASP A 409 -3.42 14.35 13.52
C ASP A 409 -4.42 14.16 12.37
N SER A 410 -3.89 13.95 11.17
CA SER A 410 -4.73 13.62 10.01
C SER A 410 -5.56 12.36 10.22
N ILE A 411 -4.94 11.26 10.64
CA ILE A 411 -5.65 10.02 10.94
CA ILE A 411 -5.72 10.05 10.87
C ILE A 411 -6.75 10.24 11.97
N ALA A 412 -6.42 10.98 13.03
CA ALA A 412 -7.39 11.23 14.10
C ALA A 412 -8.62 11.91 13.53
N ASN A 413 -8.39 12.84 12.60
CA ASN A 413 -9.49 13.58 11.98
C ASN A 413 -10.32 12.67 11.07
N PHE A 414 -9.64 11.84 10.29
CA PHE A 414 -10.34 10.88 9.42
C PHE A 414 -11.13 9.87 10.25
N HIS A 415 -10.50 9.30 11.27
CA HIS A 415 -11.19 8.40 12.20
C HIS A 415 -12.44 9.02 12.76
N GLY A 416 -12.33 10.25 13.24
CA GLY A 416 -13.47 10.96 13.82
C GLY A 416 -14.61 11.17 12.83
N GLU A 417 -14.28 11.59 11.61
CA GLU A 417 -15.29 11.74 10.57
C GLU A 417 -15.97 10.42 10.24
N LEU A 418 -15.18 9.37 10.05
CA LEU A 418 -15.77 8.07 9.75
C LEU A 418 -16.69 7.59 10.86
N SER A 419 -16.25 7.73 12.11
CA SER A 419 -17.07 7.32 13.24
C SER A 419 -18.45 8.01 13.21
N ALA A 420 -18.42 9.34 13.09
CA ALA A 420 -19.65 10.14 13.09
C ALA A 420 -20.55 9.80 11.91
N ALA A 421 -19.94 9.52 10.76
CA ALA A 421 -20.67 9.27 9.52
C ALA A 421 -21.25 7.86 9.44
N GLY A 422 -20.75 6.96 10.27
CA GLY A 422 -21.31 5.62 10.37
C GLY A 422 -21.18 4.72 9.15
N TYR A 423 -22.27 4.00 8.85
CA TYR A 423 -22.28 2.94 7.84
C TYR A 423 -23.45 3.15 6.89
N HIS A 424 -23.29 2.72 5.65
CA HIS A 424 -24.37 2.69 4.68
C HIS A 424 -25.60 2.01 5.31
N SER A 425 -26.79 2.51 5.02
CA SER A 425 -28.01 1.98 5.63
C SER A 425 -28.34 0.54 5.23
N GLU A 426 -27.71 0.04 4.16
CA GLU A 426 -27.90 -1.34 3.77
C GLU A 426 -26.57 -2.08 3.85
N THR A 427 -26.06 -2.23 5.07
CA THR A 427 -24.75 -2.83 5.28
C THR A 427 -24.88 -4.22 5.86
N TYR A 428 -24.24 -5.18 5.20
CA TYR A 428 -24.19 -6.57 5.65
C TYR A 428 -22.75 -6.92 5.94
N ALA A 429 -22.43 -7.06 7.22
CA ALA A 429 -21.04 -7.23 7.64
C ALA A 429 -20.80 -8.64 8.16
N HIS A 430 -19.61 -9.19 7.92
CA HIS A 430 -19.19 -10.43 8.58
C HIS A 430 -17.76 -10.29 9.07
N TYR A 431 -17.41 -11.01 10.13
CA TYR A 431 -16.07 -10.88 10.69
C TYR A 431 -15.70 -12.13 11.49
N GLY A 432 -14.41 -12.30 11.73
CA GLY A 432 -13.91 -13.45 12.47
C GLY A 432 -13.72 -13.09 13.93
N ALA A 433 -14.40 -13.84 14.80
CA ALA A 433 -14.35 -13.60 16.22
C ALA A 433 -14.06 -14.93 16.91
N ASP A 434 -12.78 -15.22 17.09
CA ASP A 434 -12.39 -16.53 17.58
C ASP A 434 -11.31 -16.39 18.62
N ASP A 435 -11.54 -17.00 19.78
CA ASP A 435 -10.58 -16.89 20.87
C ASP A 435 -9.33 -17.75 20.69
N SER A 436 -9.28 -18.56 19.63
CA SER A 436 -8.04 -19.28 19.31
C SER A 436 -7.10 -18.47 18.42
N ARG A 437 -7.45 -17.22 18.17
CA ARG A 437 -6.59 -16.34 17.40
C ARG A 437 -6.39 -15.06 18.20
N HIS A 438 -5.30 -14.99 18.97
CA HIS A 438 -5.13 -13.94 19.97
C HIS A 438 -5.15 -12.54 19.35
N SER A 439 -4.63 -12.43 18.14
CA SER A 439 -4.74 -11.21 17.33
C SER A 439 -4.11 -9.98 17.99
N TRP A 440 -3.14 -10.19 18.88
CA TRP A 440 -2.53 -9.09 19.65
C TRP A 440 -3.57 -8.18 20.27
N ARG A 441 -4.70 -8.77 20.66
CA ARG A 441 -5.84 -8.00 21.14
C ARG A 441 -5.49 -7.26 22.44
N ASP A 442 -4.80 -7.94 23.34
CA ASP A 442 -4.19 -7.25 24.48
C ASP A 442 -2.72 -7.14 24.19
N LEU A 443 -2.24 -5.91 24.08
CA LEU A 443 -0.85 -5.70 23.77
C LEU A 443 -0.17 -5.51 25.11
N ILE A 444 0.63 -6.48 25.51
CA ILE A 444 1.19 -6.51 26.86
C ILE A 444 2.72 -6.44 26.89
N TRP A 445 3.24 -5.45 27.61
CA TRP A 445 4.66 -5.38 27.89
C TRP A 445 4.79 -5.91 29.31
N LYS A 446 5.46 -7.04 29.46
CA LYS A 446 5.59 -7.64 30.79
C LYS A 446 7.04 -7.52 31.26
N GLY A 447 7.23 -6.96 32.46
CA GLY A 447 8.57 -6.75 32.97
C GLY A 447 8.66 -5.48 33.80
N ASP A 448 9.88 -5.11 34.19
CA ASP A 448 10.09 -3.96 35.07
C ASP A 448 10.62 -2.75 34.30
N PRO A 449 9.77 -1.71 34.14
CA PRO A 449 10.12 -0.50 33.39
C PRO A 449 11.08 0.42 34.13
N THR A 450 11.33 0.14 35.41
CA THR A 450 12.13 1.05 36.23
C THR A 450 13.42 1.52 35.56
N PRO A 451 14.26 0.58 35.11
CA PRO A 451 15.54 0.99 34.52
C PRO A 451 15.36 1.79 33.23
N LEU A 452 14.22 1.63 32.57
CA LEU A 452 13.99 2.33 31.33
C LEU A 452 13.57 3.78 31.60
N GLU A 453 13.06 4.02 32.79
CA GLU A 453 12.39 5.28 33.10
C GLU A 453 13.12 6.19 34.08
N THR A 454 14.34 5.82 34.47
CA THR A 454 15.13 6.75 35.28
C THR A 454 15.60 7.88 34.38
N PRO A 455 15.76 9.08 34.95
CA PRO A 455 16.22 10.24 34.18
C PRO A 455 17.43 9.89 33.31
N GLY A 456 17.45 10.39 32.08
CA GLY A 456 18.53 10.09 31.16
C GLY A 456 18.41 8.67 30.63
N ALA A 457 17.18 8.17 30.62
CA ALA A 457 16.87 6.86 30.06
C ALA A 457 17.51 6.70 28.68
N THR A 458 18.25 5.61 28.49
CA THR A 458 18.93 5.40 27.22
C THR A 458 18.68 4.00 26.63
N LEU A 459 18.15 3.10 27.46
CA LEU A 459 18.00 1.70 27.07
C LEU A 459 17.22 1.54 25.77
N ASN A 460 17.67 0.62 24.94
CA ASN A 460 16.99 0.32 23.68
C ASN A 460 16.53 -1.13 23.64
N ASP A 461 15.46 -1.39 22.90
CA ASP A 461 15.01 -2.77 22.75
C ASP A 461 15.73 -3.43 21.57
N ASP A 462 15.37 -4.66 21.26
CA ASP A 462 16.03 -5.38 20.17
C ASP A 462 15.22 -5.27 18.87
N GLU A 463 14.26 -4.36 18.87
CA GLU A 463 13.39 -4.13 17.71
C GLU A 463 12.56 -5.36 17.35
N ASN A 464 12.52 -6.34 18.27
CA ASN A 464 11.76 -7.56 18.04
C ASN A 464 10.92 -7.97 19.26
N GLY A 465 10.82 -7.08 20.25
CA GLY A 465 9.86 -7.30 21.33
C GLY A 465 10.42 -7.31 22.74
N THR A 466 11.73 -7.15 22.90
CA THR A 466 12.29 -7.17 24.25
C THR A 466 13.40 -6.17 24.52
N TYR A 467 13.42 -5.67 25.76
CA TYR A 467 14.49 -4.84 26.28
C TYR A 467 15.56 -5.69 26.99
N ASN A 468 15.27 -6.97 27.21
CA ASN A 468 16.27 -7.88 27.77
C ASN A 468 17.42 -8.04 26.81
N SER A 469 18.64 -8.03 27.34
CA SER A 469 19.81 -8.18 26.51
C SER A 469 20.92 -8.86 27.28
N TRP A 470 22.06 -9.05 26.62
CA TRP A 470 23.25 -9.55 27.28
C TRP A 470 23.55 -8.69 28.51
N PHE A 471 23.20 -7.41 28.43
CA PHE A 471 23.55 -6.43 29.46
C PHE A 471 22.51 -6.22 30.57
N ARG A 472 21.26 -6.61 30.35
CA ARG A 472 20.17 -6.34 31.30
C ARG A 472 19.01 -7.36 31.20
N ARG A 473 18.36 -7.68 32.33
CA ARG A 473 17.33 -8.75 32.40
C ARG A 473 16.09 -8.42 33.26
N GLY A 474 15.04 -9.24 33.13
CA GLY A 474 13.75 -8.96 33.74
C GLY A 474 13.01 -7.72 33.23
N LEU A 475 13.43 -7.22 32.06
CA LEU A 475 12.92 -5.99 31.52
C LEU A 475 11.68 -6.18 30.63
N PRO A 476 10.99 -5.08 30.28
CA PRO A 476 9.74 -5.21 29.53
C PRO A 476 9.88 -6.00 28.24
N THR A 477 8.94 -6.92 28.04
CA THR A 477 8.92 -7.79 26.88
C THR A 477 7.49 -7.94 26.40
N ILE A 478 7.28 -7.77 25.10
CA ILE A 478 5.94 -8.00 24.57
C ILE A 478 5.61 -9.49 24.60
N VAL A 479 4.52 -9.82 25.26
CA VAL A 479 4.11 -11.21 25.39
C VAL A 479 2.66 -11.38 24.94
N GLN A 480 2.36 -12.56 24.42
CA GLN A 480 1.02 -12.89 23.96
C GLN A 480 0.01 -12.77 25.10
N GLY A 481 -1.15 -12.18 24.79
CA GLY A 481 -2.24 -12.11 25.74
C GLY A 481 -2.99 -13.43 25.81
N PRO A 482 -4.17 -13.45 26.46
CA PRO A 482 -4.85 -12.29 27.04
C PRO A 482 -4.35 -11.91 28.42
N LEU A 483 -4.71 -10.70 28.85
CA LEU A 483 -4.33 -10.17 30.15
C LEU A 483 -4.77 -11.12 31.27
N GLU A 484 -3.94 -11.22 32.30
CA GLU A 484 -4.17 -12.14 33.41
C GLU A 484 -5.51 -11.88 34.10
N THR A 485 -5.71 -10.63 34.51
CA THR A 485 -6.96 -10.20 35.15
C THR A 485 -7.67 -9.22 34.24
N GLY A 486 -8.79 -9.65 33.66
CA GLY A 486 -9.48 -8.84 32.68
C GLY A 486 -10.69 -8.08 33.19
N ASN A 487 -11.03 -7.02 32.47
CA ASN A 487 -12.22 -6.24 32.69
C ASN A 487 -13.39 -7.03 32.11
N PRO A 488 -14.42 -7.29 32.93
CA PRO A 488 -15.60 -8.05 32.49
C PRO A 488 -16.24 -7.48 31.23
N LEU A 489 -16.18 -6.15 31.09
CA LEU A 489 -16.68 -5.49 29.90
C LEU A 489 -15.90 -5.86 28.64
N ASP A 490 -14.71 -6.42 28.82
CA ASP A 490 -13.86 -6.75 27.68
C ASP A 490 -14.10 -8.16 27.11
N ALA A 491 -14.98 -8.93 27.75
CA ALA A 491 -15.16 -10.32 27.34
C ALA A 491 -15.56 -10.50 25.86
N SER A 492 -16.45 -9.65 25.37
CA SER A 492 -17.01 -9.83 24.03
C SER A 492 -16.01 -9.47 22.94
N GLY A 493 -14.98 -8.72 23.28
CA GLY A 493 -14.03 -8.20 22.30
C GLY A 493 -12.72 -8.97 22.18
N SER A 494 -12.60 -10.07 22.91
CA SER A 494 -11.37 -10.88 22.88
C SER A 494 -11.22 -11.65 21.57
N GLY A 495 -10.02 -12.16 21.33
CA GLY A 495 -9.70 -12.89 20.11
C GLY A 495 -9.84 -12.05 18.85
N GLY A 496 -10.06 -12.71 17.71
CA GLY A 496 -10.27 -12.01 16.47
C GLY A 496 -10.03 -12.93 15.29
N ASP A 497 -9.40 -12.39 14.25
CA ASP A 497 -9.09 -13.21 13.08
C ASP A 497 -7.60 -13.19 12.75
N GLU A 498 -6.78 -12.85 13.75
CA GLU A 498 -5.32 -12.75 13.66
C GLU A 498 -4.88 -11.32 13.42
N THR A 499 -5.65 -10.59 12.64
CA THR A 499 -5.30 -9.21 12.32
C THR A 499 -6.26 -8.18 12.90
N VAL A 500 -7.55 -8.51 12.94
CA VAL A 500 -8.57 -7.64 13.50
C VAL A 500 -9.13 -8.23 14.81
N PRO A 501 -8.85 -7.59 15.95
CA PRO A 501 -9.42 -8.10 17.19
C PRO A 501 -10.95 -7.99 17.13
N THR A 502 -11.63 -8.89 17.81
CA THR A 502 -13.08 -8.83 17.85
C THR A 502 -13.58 -7.43 18.29
N ASP A 503 -12.83 -6.77 19.18
CA ASP A 503 -13.13 -5.40 19.58
C ASP A 503 -13.59 -4.56 18.39
N SER A 504 -12.81 -4.65 17.32
CA SER A 504 -12.98 -3.82 16.12
C SER A 504 -13.93 -4.51 15.13
N GLY A 505 -13.80 -5.82 14.98
CA GLY A 505 -14.68 -6.55 14.09
C GLY A 505 -16.16 -6.40 14.41
N GLN A 506 -16.49 -6.30 15.70
CA GLN A 506 -17.88 -6.20 16.10
C GLN A 506 -18.40 -4.75 16.18
N ALA A 507 -17.55 -3.77 15.85
CA ALA A 507 -18.00 -2.38 15.93
C ALA A 507 -19.21 -2.06 15.06
N PRO A 508 -19.23 -2.58 13.82
CA PRO A 508 -20.40 -2.33 12.98
C PRO A 508 -21.70 -2.86 13.62
N ALA A 509 -21.66 -4.04 14.21
CA ALA A 509 -22.84 -4.56 14.90
C ALA A 509 -23.25 -3.61 16.02
N LEU A 510 -22.27 -3.15 16.80
CA LEU A 510 -22.57 -2.22 17.88
C LEU A 510 -23.17 -0.90 17.39
N ALA A 511 -22.81 -0.50 16.17
CA ALA A 511 -23.30 0.75 15.60
C ALA A 511 -24.65 0.58 14.92
N GLY A 512 -25.16 -0.65 14.92
CA GLY A 512 -26.50 -0.93 14.44
C GLY A 512 -26.65 -1.21 12.96
N VAL A 513 -25.64 -1.83 12.33
CA VAL A 513 -25.77 -2.20 10.91
C VAL A 513 -26.89 -3.19 10.72
N LYS A 514 -27.41 -3.26 9.50
CA LYS A 514 -28.59 -4.09 9.22
C LYS A 514 -28.35 -5.57 9.51
N ALA A 515 -27.19 -6.09 9.10
CA ALA A 515 -26.85 -7.47 9.36
C ALA A 515 -25.38 -7.62 9.73
N SER A 516 -25.10 -8.48 10.69
CA SER A 516 -23.73 -8.70 11.17
C SER A 516 -23.53 -10.18 11.51
N PHE A 517 -22.60 -10.82 10.81
CA PHE A 517 -22.31 -12.25 11.01
C PHE A 517 -21.02 -12.44 11.79
N ARG A 518 -21.18 -13.00 12.99
CA ARG A 518 -20.07 -13.17 13.91
C ARG A 518 -19.54 -14.60 13.77
N HIS A 519 -18.46 -14.76 13.00
CA HIS A 519 -18.00 -16.10 12.64
C HIS A 519 -16.90 -16.59 13.59
N GLY A 520 -16.97 -17.85 13.97
CA GLY A 520 -15.96 -18.40 14.85
C GLY A 520 -16.48 -18.72 16.25
N SER A 521 -15.55 -18.97 17.16
CA SER A 521 -15.89 -19.49 18.47
C SER A 521 -16.78 -18.57 19.31
N LYS A 522 -16.70 -17.26 19.07
CA LYS A 522 -17.49 -16.31 19.84
C LYS A 522 -18.86 -16.02 19.26
N GLY A 523 -19.16 -16.65 18.13
CA GLY A 523 -20.47 -16.53 17.51
C GLY A 523 -21.30 -17.76 17.77
N LYS A 524 -22.48 -17.82 17.14
CA LYS A 524 -23.41 -18.94 17.32
C LYS A 524 -23.86 -19.49 15.97
N GLY A 525 -24.62 -20.58 15.99
CA GLY A 525 -25.22 -21.11 14.78
C GLY A 525 -24.65 -22.43 14.30
N GLN A 526 -25.52 -23.30 13.82
CA GLN A 526 -25.11 -24.65 13.46
C GLN A 526 -24.21 -24.72 12.23
N ALA A 527 -24.20 -23.66 11.42
CA ALA A 527 -23.31 -23.58 10.26
C ALA A 527 -22.06 -22.78 10.57
N ASN A 528 -21.83 -22.54 11.86
CA ASN A 528 -20.75 -21.67 12.31
C ASN A 528 -19.90 -22.37 13.38
N THR A 529 -19.73 -23.69 13.23
CA THR A 529 -19.01 -24.48 14.24
C THR A 529 -17.52 -24.66 13.96
N LYS A 530 -17.08 -24.37 12.73
CA LYS A 530 -15.66 -24.45 12.42
C LYS A 530 -14.88 -23.33 13.12
N ARG A 531 -13.60 -23.55 13.37
CA ARG A 531 -12.73 -22.50 13.91
C ARG A 531 -12.87 -21.26 13.02
N GLY A 532 -12.89 -20.08 13.63
CA GLY A 532 -12.98 -18.84 12.87
C GLY A 532 -11.83 -18.71 11.89
N TYR A 533 -12.08 -18.07 10.75
CA TYR A 533 -11.09 -17.97 9.70
C TYR A 533 -10.02 -16.94 10.01
N GLU A 534 -8.92 -17.01 9.26
CA GLU A 534 -7.83 -16.05 9.35
C GLU A 534 -8.12 -14.89 8.41
N HIS A 535 -7.66 -13.70 8.80
CA HIS A 535 -7.96 -12.45 8.09
C HIS A 535 -7.67 -12.47 6.59
N GLN A 536 -6.42 -12.79 6.24
CA GLN A 536 -5.96 -12.63 4.88
C GLN A 536 -6.75 -13.52 3.93
N GLU A 537 -7.10 -14.70 4.42
CA GLU A 537 -7.76 -15.70 3.60
C GLU A 537 -9.26 -15.79 3.88
N SER A 538 -9.83 -14.79 4.56
CA SER A 538 -11.23 -14.90 5.00
C SER A 538 -12.22 -15.24 3.88
N TYR A 539 -12.01 -14.67 2.69
CA TYR A 539 -12.99 -14.87 1.62
C TYR A 539 -12.85 -16.25 0.98
N ASN A 540 -11.88 -17.01 1.45
CA ASN A 540 -11.79 -18.42 1.05
C ASN A 540 -12.52 -19.37 2.02
N ASP A 541 -13.19 -18.81 3.01
CA ASP A 541 -13.97 -19.59 3.97
C ASP A 541 -15.43 -19.56 3.55
N ALA A 542 -16.09 -20.72 3.59
CA ALA A 542 -17.47 -20.84 3.15
C ALA A 542 -18.42 -19.83 3.80
N ARG A 543 -18.18 -19.49 5.07
CA ARG A 543 -19.07 -18.55 5.76
C ARG A 543 -18.96 -17.13 5.21
N ALA A 544 -17.74 -16.72 4.86
CA ALA A 544 -17.53 -15.38 4.32
C ALA A 544 -18.21 -15.29 2.96
N GLN A 545 -18.06 -16.35 2.17
CA GLN A 545 -18.68 -16.44 0.84
C GLN A 545 -20.20 -16.41 0.95
N TRP A 546 -20.73 -17.19 1.89
CA TRP A 546 -22.19 -17.22 2.12
C TRP A 546 -22.67 -15.83 2.47
N ALA A 547 -22.00 -15.19 3.43
CA ALA A 547 -22.43 -13.87 3.87
C ALA A 547 -22.37 -12.81 2.76
N ALA A 548 -21.38 -12.91 1.87
CA ALA A 548 -21.27 -12.00 0.74
C ALA A 548 -22.43 -12.20 -0.25
N LEU A 549 -22.65 -13.44 -0.66
CA LEU A 549 -23.71 -13.71 -1.63
C LEU A 549 -25.09 -13.39 -1.03
N TYR A 550 -25.27 -13.73 0.24
CA TYR A 550 -26.50 -13.38 0.94
C TYR A 550 -26.73 -11.87 0.91
N GLY A 551 -25.69 -11.10 1.24
CA GLY A 551 -25.80 -9.65 1.18
C GLY A 551 -26.21 -9.14 -0.20
N VAL A 552 -25.58 -9.69 -1.22
CA VAL A 552 -25.86 -9.24 -2.59
C VAL A 552 -27.31 -9.48 -2.97
N ILE A 553 -27.80 -10.67 -2.64
CA ILE A 553 -29.21 -11.00 -2.92
C ILE A 553 -30.17 -10.07 -2.18
N LYS A 554 -29.95 -9.86 -0.89
CA LYS A 554 -30.80 -8.96 -0.13
C LYS A 554 -30.77 -7.51 -0.65
N ILE A 555 -29.57 -6.99 -0.89
CA ILE A 555 -29.44 -5.62 -1.38
C ILE A 555 -30.14 -5.43 -2.73
N THR A 556 -30.03 -6.44 -3.58
CA THR A 556 -30.64 -6.43 -4.91
C THR A 556 -32.17 -6.23 -4.89
N GLN A 557 -32.82 -6.65 -3.82
CA GLN A 557 -34.26 -6.47 -3.69
C GLN A 557 -34.64 -4.98 -3.78
N LEU A 558 -33.67 -4.12 -3.49
CA LEU A 558 -33.87 -2.66 -3.54
C LEU A 558 -33.71 -2.06 -4.94
N ALA A 559 -33.18 -2.84 -5.88
CA ALA A 559 -32.89 -2.31 -7.20
C ALA A 559 -34.20 -2.01 -7.91
N ASP A 560 -34.25 -0.88 -8.62
CA ASP A 560 -35.44 -0.53 -9.38
C ASP A 560 -35.46 -1.30 -10.70
N TRP A 561 -36.65 -1.51 -11.24
CA TRP A 561 -36.80 -2.13 -12.55
C TRP A 561 -38.24 -2.57 -12.83
N MET B 1 28.37 -8.41 -27.65
CA MET B 1 27.05 -8.18 -28.23
C MET B 1 27.12 -6.98 -29.18
N ASP B 2 26.40 -7.08 -30.30
CA ASP B 2 26.34 -6.00 -31.28
C ASP B 2 25.47 -4.85 -30.78
N LYS B 3 26.12 -3.74 -30.39
CA LYS B 3 25.39 -2.58 -29.88
C LYS B 3 25.15 -1.54 -30.98
N THR B 4 25.01 -2.02 -32.21
CA THR B 4 24.69 -1.14 -33.32
C THR B 4 23.37 -0.43 -33.06
N GLY B 5 23.42 0.90 -33.04
CA GLY B 5 22.22 1.69 -32.85
C GLY B 5 21.82 1.92 -31.39
N TRP B 6 22.52 1.29 -30.46
CA TRP B 6 22.24 1.52 -29.05
C TRP B 6 22.41 3.00 -28.71
N ILE B 7 21.67 3.46 -27.71
CA ILE B 7 21.65 4.88 -27.35
C ILE B 7 22.19 5.08 -25.93
N THR B 8 23.12 6.02 -25.78
CA THR B 8 23.65 6.39 -24.47
C THR B 8 22.73 7.43 -23.83
N HIS B 9 22.18 7.11 -22.67
CA HIS B 9 21.21 7.95 -21.99
C HIS B 9 21.83 8.55 -20.73
N CYS B 10 21.45 9.78 -20.41
CA CYS B 10 21.84 10.41 -19.15
C CYS B 10 20.71 10.28 -18.16
N PHE B 11 20.99 9.71 -16.99
CA PHE B 11 20.03 9.66 -15.89
C PHE B 11 20.77 10.14 -14.63
N GLY B 12 20.32 11.24 -14.05
CA GLY B 12 20.97 11.74 -12.85
C GLY B 12 22.43 12.03 -13.14
N ARG B 13 23.33 11.44 -12.35
CA ARG B 13 24.77 11.68 -12.53
C ARG B 13 25.39 10.65 -13.47
N PHE B 14 24.58 9.74 -14.00
CA PHE B 14 25.10 8.57 -14.69
C PHE B 14 24.74 8.48 -16.17
N LEU B 15 25.46 7.60 -16.87
CA LEU B 15 25.15 7.22 -18.24
C LEU B 15 24.90 5.71 -18.30
N ILE B 16 24.09 5.29 -19.26
CA ILE B 16 23.85 3.88 -19.51
C ILE B 16 23.43 3.72 -20.96
N ASP B 17 23.79 2.60 -21.58
CA ASP B 17 23.41 2.34 -22.97
C ASP B 17 22.24 1.35 -23.05
N LEU B 18 21.28 1.65 -23.91
CA LEU B 18 20.12 0.79 -24.13
C LEU B 18 19.89 0.61 -25.61
N PRO B 19 19.27 -0.51 -26.00
CA PRO B 19 18.93 -0.80 -27.41
C PRO B 19 18.03 0.30 -27.96
N PRO B 20 18.05 0.50 -29.28
CA PRO B 20 17.31 1.64 -29.84
C PRO B 20 15.79 1.53 -29.68
N ASP B 21 15.26 0.32 -29.61
CA ASP B 21 13.82 0.12 -29.50
C ASP B 21 13.33 0.02 -28.04
N ALA B 22 14.22 0.24 -27.10
CA ALA B 22 13.86 0.18 -25.67
C ALA B 22 12.77 1.20 -25.36
N VAL B 23 11.77 0.77 -24.59
CA VAL B 23 10.69 1.65 -24.15
C VAL B 23 11.00 2.07 -22.72
N ILE B 24 11.20 3.37 -22.51
CA ILE B 24 11.80 3.90 -21.28
C ILE B 24 10.83 4.82 -20.54
N ASN B 25 10.68 4.58 -19.23
CA ASN B 25 9.91 5.47 -18.37
C ASN B 25 10.80 5.86 -17.19
N ALA B 26 10.96 7.16 -16.96
CA ALA B 26 11.88 7.65 -15.95
C ALA B 26 11.21 8.59 -14.96
N GLY B 27 11.74 8.58 -13.73
CA GLY B 27 11.33 9.51 -12.71
C GLY B 27 12.54 10.03 -11.97
N TYR B 28 12.45 11.29 -11.52
CA TYR B 28 13.55 11.97 -10.84
C TYR B 28 13.01 12.60 -9.59
N TYR B 29 13.80 12.55 -8.53
CA TYR B 29 13.32 12.97 -7.22
C TYR B 29 14.37 13.81 -6.51
N LEU B 30 13.94 14.95 -5.97
CA LEU B 30 14.82 15.87 -5.28
CA LEU B 30 14.81 15.87 -5.26
C LEU B 30 14.33 16.02 -3.84
N TRP B 31 15.22 15.80 -2.88
CA TRP B 31 14.86 15.81 -1.47
C TRP B 31 13.63 14.93 -1.26
N GLY B 32 13.57 13.83 -2.01
CA GLY B 32 12.55 12.83 -1.82
C GLY B 32 11.26 13.02 -2.59
N ASP B 33 11.08 14.19 -3.21
CA ASP B 33 9.85 14.50 -3.92
C ASP B 33 10.08 14.54 -5.43
N ARG B 34 9.13 14.04 -6.21
CA ARG B 34 9.32 13.98 -7.65
C ARG B 34 9.39 15.36 -8.31
N ILE B 35 10.39 15.54 -9.18
CA ILE B 35 10.41 16.70 -10.06
C ILE B 35 9.84 16.21 -11.40
N GLU B 36 8.64 16.69 -11.69
CA GLU B 36 7.84 16.23 -12.83
C GLU B 36 7.94 17.20 -14.00
N TYR B 37 8.30 16.67 -15.17
CA TYR B 37 8.33 17.48 -16.38
C TYR B 37 6.91 17.68 -16.91
N LEU B 38 6.57 18.92 -17.23
CA LEU B 38 5.23 19.25 -17.70
C LEU B 38 5.28 19.64 -19.17
N ASP B 39 4.23 19.28 -19.92
CA ASP B 39 4.14 19.61 -21.35
C ASP B 39 3.73 21.05 -21.58
N ASP B 40 3.40 21.74 -20.49
CA ASP B 40 2.83 23.09 -20.55
C ASP B 40 3.63 24.07 -21.37
N LYS B 41 2.93 24.82 -22.21
CA LYS B 41 3.46 26.05 -22.77
C LYS B 41 3.31 27.12 -21.69
N PRO B 42 4.09 28.22 -21.80
CA PRO B 42 4.12 29.25 -20.75
C PRO B 42 2.75 29.79 -20.36
N THR B 43 1.86 30.05 -21.32
CA THR B 43 0.54 30.56 -20.98
C THR B 43 -0.27 29.49 -20.25
N GLU B 44 -0.10 28.24 -20.65
CA GLU B 44 -0.75 27.12 -19.99
C GLU B 44 -0.25 26.98 -18.54
N LEU B 45 1.06 27.12 -18.34
CA LEU B 45 1.63 27.03 -17.00
C LEU B 45 1.08 28.12 -16.09
N ALA B 46 1.03 29.35 -16.59
CA ALA B 46 0.51 30.48 -15.82
C ALA B 46 -0.91 30.19 -15.35
N ALA B 47 -1.71 29.65 -16.26
CA ALA B 47 -3.11 29.38 -16.00
C ALA B 47 -3.26 28.22 -15.01
N ARG B 48 -2.38 27.23 -15.15
CA ARG B 48 -2.34 26.09 -14.23
C ARG B 48 -2.08 26.57 -12.79
N VAL B 49 -1.08 27.42 -12.62
CA VAL B 49 -0.70 27.91 -11.30
C VAL B 49 -1.77 28.81 -10.69
N ASP B 50 -2.30 29.74 -11.50
CA ASP B 50 -3.37 30.62 -11.01
C ASP B 50 -4.60 29.80 -10.63
N ARG B 51 -4.90 28.78 -11.42
CA ARG B 51 -6.06 27.94 -11.16
C ARG B 51 -5.97 27.26 -9.81
N LEU B 52 -4.78 26.74 -9.51
CA LEU B 52 -4.54 26.05 -8.25
C LEU B 52 -4.59 27.00 -7.07
N GLU B 53 -3.98 28.17 -7.22
CA GLU B 53 -3.99 29.14 -6.12
C GLU B 53 -5.43 29.46 -5.75
N GLN B 54 -6.27 29.66 -6.76
CA GLN B 54 -7.66 30.01 -6.49
C GLN B 54 -8.46 28.85 -5.89
N GLU B 55 -8.10 27.62 -6.23
CA GLU B 55 -8.74 26.47 -5.60
C GLU B 55 -8.39 26.44 -4.12
N TRP B 56 -7.10 26.61 -3.82
CA TRP B 56 -6.64 26.59 -2.45
C TRP B 56 -7.34 27.67 -1.63
N ARG B 57 -7.51 28.83 -2.23
CA ARG B 57 -8.12 29.97 -1.53
C ARG B 57 -9.58 29.69 -1.09
N THR B 58 -10.22 28.71 -1.71
CA THR B 58 -11.59 28.36 -1.34
C THR B 58 -11.63 27.34 -0.20
N GLN B 59 -10.49 26.73 0.10
CA GLN B 59 -10.47 25.65 1.08
C GLN B 59 -10.16 26.14 2.48
N ARG B 60 -10.69 25.43 3.46
CA ARG B 60 -10.60 25.84 4.85
C ARG B 60 -9.93 24.80 5.73
N HIS B 61 -8.97 25.25 6.53
CA HIS B 61 -8.39 24.45 7.59
C HIS B 61 -9.45 24.26 8.65
N LYS B 62 -9.34 23.24 9.48
CA LYS B 62 -10.38 22.99 10.48
C LYS B 62 -10.36 24.05 11.58
N SER B 63 -9.22 24.69 11.78
CA SER B 63 -9.10 25.68 12.85
C SER B 63 -8.30 26.94 12.49
N LYS B 64 -7.43 26.85 11.48
CA LYS B 64 -6.51 27.95 11.16
C LYS B 64 -6.95 28.84 10.00
N GLY B 65 -8.16 28.68 9.52
CA GLY B 65 -8.68 29.52 8.46
C GLY B 65 -8.34 29.08 7.04
N ASN B 66 -7.74 29.98 6.26
CA ASN B 66 -7.53 29.71 4.84
C ASN B 66 -6.45 28.65 4.64
N MET B 67 -6.69 27.69 3.74
CA MET B 67 -5.70 26.69 3.44
C MET B 67 -4.53 27.26 2.65
N PHE B 68 -4.78 28.35 1.92
CA PHE B 68 -3.71 28.99 1.17
C PHE B 68 -2.93 29.96 2.05
N LEU B 69 -1.62 29.80 2.08
CA LEU B 69 -0.78 30.67 2.89
C LEU B 69 -0.14 31.80 2.08
N ARG B 70 0.57 31.45 1.01
CA ARG B 70 1.20 32.48 0.19
C ARG B 70 1.74 31.94 -1.12
N LYS B 71 1.87 32.84 -2.09
CA LYS B 71 2.60 32.55 -3.30
C LYS B 71 3.98 33.17 -3.18
N ILE B 72 5.01 32.35 -3.37
CA ILE B 72 6.39 32.78 -3.20
C ILE B 72 7.10 32.91 -4.54
N ASP B 73 7.83 34.02 -4.70
CA ASP B 73 8.61 34.27 -5.91
C ASP B 73 10.06 33.86 -5.67
N PHE B 74 10.51 32.82 -6.37
CA PHE B 74 11.85 32.26 -6.15
C PHE B 74 12.91 32.90 -7.04
N GLY B 75 12.55 33.96 -7.74
CA GLY B 75 13.42 34.54 -8.73
C GLY B 75 13.43 33.66 -9.98
N ASN B 76 14.01 34.17 -11.06
CA ASN B 76 14.13 33.41 -12.30
C ASN B 76 12.81 32.84 -12.80
N GLU B 77 11.74 33.63 -12.62
CA GLU B 77 10.36 33.28 -12.97
C GLU B 77 9.79 32.02 -12.30
N SER B 78 10.51 31.47 -11.34
CA SER B 78 10.03 30.32 -10.62
C SER B 78 9.14 30.76 -9.46
N VAL B 79 8.06 30.02 -9.21
CA VAL B 79 7.14 30.36 -8.12
C VAL B 79 6.74 29.14 -7.30
N GLY B 80 6.25 29.41 -6.09
CA GLY B 80 5.72 28.34 -5.25
C GLY B 80 4.39 28.69 -4.65
N LEU B 81 3.50 27.71 -4.53
CA LEU B 81 2.27 27.87 -3.78
C LEU B 81 2.43 27.17 -2.45
N LEU B 82 2.26 27.90 -1.37
CA LEU B 82 2.40 27.35 -0.04
C LEU B 82 1.04 27.24 0.62
N SER B 83 0.68 26.02 1.02
CA SER B 83 -0.59 25.76 1.68
C SER B 83 -0.33 24.86 2.88
N TRP B 84 -1.29 24.77 3.79
CA TRP B 84 -1.21 23.75 4.85
C TRP B 84 -1.22 22.35 4.21
N SER B 85 -0.48 21.41 4.80
CA SER B 85 -0.38 20.08 4.21
C SER B 85 -1.64 19.23 4.39
N SER B 86 -2.52 19.65 5.30
CA SER B 86 -3.84 19.05 5.45
C SER B 86 -4.73 20.01 6.21
N GLU B 87 -6.01 19.66 6.32
CA GLU B 87 -6.94 20.54 7.01
C GLU B 87 -6.80 20.51 8.54
N VAL B 88 -5.88 19.70 9.04
CA VAL B 88 -5.57 19.74 10.47
C VAL B 88 -4.08 19.87 10.76
N ALA B 89 -3.28 20.08 9.71
CA ALA B 89 -1.84 20.21 9.87
C ALA B 89 -1.47 21.40 10.75
N SER B 90 -0.40 21.27 11.51
CA SER B 90 0.11 22.39 12.31
C SER B 90 1.62 22.54 12.20
N LYS B 91 2.30 21.51 11.69
CA LYS B 91 3.76 21.54 11.66
C LYS B 91 4.36 21.52 10.25
N THR B 92 3.54 21.21 9.25
CA THR B 92 4.03 21.08 7.88
C THR B 92 3.13 21.76 6.88
N TYR B 93 3.78 22.35 5.88
CA TYR B 93 3.12 22.93 4.73
C TYR B 93 3.28 21.99 3.54
N LEU B 94 2.48 22.24 2.51
CA LEU B 94 2.75 21.73 1.18
C LEU B 94 3.33 22.90 0.42
N LEU B 95 4.49 22.69 -0.19
CA LEU B 95 5.09 23.68 -1.06
C LEU B 95 5.11 23.13 -2.48
N ASP B 96 4.27 23.71 -3.33
CA ASP B 96 4.13 23.29 -4.73
C ASP B 96 4.94 24.23 -5.62
N THR B 97 6.16 23.83 -6.00
CA THR B 97 7.04 24.71 -6.79
C THR B 97 6.97 24.45 -8.28
N TYR B 98 6.94 25.54 -9.04
CA TYR B 98 6.99 25.46 -10.50
C TYR B 98 8.26 26.16 -10.94
N VAL B 99 9.03 25.50 -11.80
CA VAL B 99 10.35 26.00 -12.15
C VAL B 99 10.64 25.70 -13.61
N THR B 100 11.38 26.58 -14.26
CA THR B 100 11.68 26.45 -15.68
C THR B 100 13.17 26.36 -15.94
N SER B 101 13.54 25.62 -16.98
CA SER B 101 14.94 25.52 -17.37
C SER B 101 15.33 26.75 -18.19
N LYS B 102 16.63 27.02 -18.23
CA LYS B 102 17.18 28.10 -19.06
CA LYS B 102 17.18 28.10 -19.06
C LYS B 102 18.39 27.58 -19.82
N PRO B 103 18.66 28.15 -21.01
CA PRO B 103 17.87 29.23 -21.63
C PRO B 103 16.68 28.73 -22.43
N THR B 104 16.65 27.45 -22.80
CA THR B 104 15.48 26.90 -23.44
C THR B 104 14.42 26.57 -22.38
N TRP B 105 13.23 27.12 -22.58
CA TRP B 105 12.14 27.00 -21.63
C TRP B 105 11.55 25.59 -21.60
N HIS B 106 11.52 24.99 -20.41
CA HIS B 106 10.73 23.80 -20.15
C HIS B 106 10.20 23.97 -18.75
N VAL B 107 9.01 23.45 -18.49
CA VAL B 107 8.37 23.63 -17.19
C VAL B 107 8.40 22.36 -16.33
N TYR B 108 8.58 22.53 -15.03
CA TYR B 108 8.59 21.41 -14.09
C TYR B 108 7.77 21.71 -12.86
N ARG B 109 7.17 20.67 -12.29
CA ARG B 109 6.47 20.79 -11.02
C ARG B 109 7.24 19.97 -9.98
N TRP B 110 7.52 20.57 -8.83
CA TRP B 110 8.26 19.89 -7.78
C TRP B 110 7.57 20.19 -6.47
N LYS B 111 6.73 19.25 -6.02
CA LYS B 111 5.85 19.52 -4.89
C LYS B 111 6.13 18.58 -3.74
N GLY B 112 6.20 19.12 -2.53
CA GLY B 112 6.41 18.28 -1.38
C GLY B 112 6.18 19.02 -0.08
N LYS B 113 6.25 18.30 1.03
CA LYS B 113 6.00 18.92 2.32
C LYS B 113 7.24 19.62 2.86
N VAL B 114 7.00 20.72 3.58
CA VAL B 114 8.07 21.50 4.17
C VAL B 114 7.68 21.83 5.62
N SER B 115 8.64 21.78 6.52
CA SER B 115 8.33 22.11 7.92
C SER B 115 8.12 23.60 8.10
N VAL B 116 7.13 23.96 8.91
CA VAL B 116 6.89 25.35 9.23
C VAL B 116 8.18 26.04 9.67
N ASP B 117 8.92 25.39 10.56
CA ASP B 117 10.12 26.00 11.10
C ASP B 117 11.33 25.82 10.20
N ARG B 118 11.09 25.29 9.00
CA ARG B 118 12.17 25.18 8.00
C ARG B 118 11.85 25.96 6.73
N GLU B 119 10.89 26.87 6.80
CA GLU B 119 10.40 27.55 5.61
C GLU B 119 11.48 28.31 4.84
N GLN B 120 12.29 29.09 5.54
CA GLN B 120 13.32 29.89 4.88
C GLN B 120 14.31 28.99 4.15
N HIS B 121 14.64 27.87 4.78
CA HIS B 121 15.56 26.91 4.18
C HIS B 121 14.99 26.32 2.91
N ALA B 122 13.72 25.92 2.96
CA ALA B 122 13.04 25.42 1.76
C ALA B 122 13.07 26.47 0.65
N VAL B 123 12.80 27.72 1.00
CA VAL B 123 12.83 28.79 0.02
C VAL B 123 14.19 28.91 -0.67
N GLU B 124 15.26 28.86 0.10
CA GLU B 124 16.60 28.97 -0.48
C GLU B 124 16.89 27.81 -1.45
N ILE B 125 16.41 26.62 -1.11
CA ILE B 125 16.59 25.46 -1.99
C ILE B 125 15.91 25.69 -3.34
N SER B 126 14.68 26.20 -3.33
CA SER B 126 13.94 26.50 -4.55
C SER B 126 14.58 27.65 -5.32
N ARG B 127 15.04 28.68 -4.62
CA ARG B 127 15.80 29.76 -5.26
C ARG B 127 16.99 29.18 -6.02
N ALA B 128 17.74 28.31 -5.35
CA ALA B 128 18.93 27.71 -5.92
C ALA B 128 18.58 26.82 -7.11
N LEU B 129 17.50 26.05 -6.97
CA LEU B 129 17.03 25.21 -8.08
C LEU B 129 16.76 26.05 -9.32
N ALA B 130 16.11 27.19 -9.13
CA ALA B 130 15.74 28.05 -10.26
C ALA B 130 16.98 28.66 -10.93
N ARG B 131 18.01 28.92 -10.13
CA ARG B 131 19.29 29.37 -10.69
C ARG B 131 20.00 28.26 -11.46
N ASN B 132 19.88 27.02 -10.98
CA ASN B 132 20.69 25.91 -11.48
C ASN B 132 20.05 25.05 -12.58
N LEU B 133 18.78 25.26 -12.88
CA LEU B 133 18.10 24.37 -13.83
C LEU B 133 18.44 24.73 -15.28
N ARG B 134 19.28 23.92 -15.91
CA ARG B 134 19.78 24.22 -17.25
C ARG B 134 19.13 23.31 -18.27
N SER B 135 18.70 23.87 -19.41
CA SER B 135 18.11 23.05 -20.45
C SER B 135 19.17 22.22 -21.20
N ARG B 136 18.74 21.08 -21.75
CA ARG B 136 19.57 20.28 -22.66
C ARG B 136 18.64 19.57 -23.65
N ALA B 137 19.16 19.21 -24.81
CA ALA B 137 18.40 18.44 -25.79
C ALA B 137 18.18 17.06 -25.19
N PRO B 138 17.12 16.36 -25.63
CA PRO B 138 16.73 15.09 -24.99
C PRO B 138 17.86 14.08 -24.84
N LYS B 139 18.77 14.01 -25.80
CA LYS B 139 19.89 13.08 -25.73
C LYS B 139 21.25 13.76 -25.58
N GLU B 140 21.24 15.05 -25.29
CA GLU B 140 22.48 15.78 -25.13
C GLU B 140 23.16 15.40 -23.82
N ILE B 141 24.45 15.07 -23.89
CA ILE B 141 25.24 14.72 -22.72
C ILE B 141 26.03 15.91 -22.22
N PRO B 142 25.64 16.47 -21.06
CA PRO B 142 26.31 17.69 -20.59
C PRO B 142 27.73 17.42 -20.11
N SER B 143 28.67 18.29 -20.46
CA SER B 143 30.02 18.16 -19.95
C SER B 143 30.17 18.90 -18.62
N GLU B 144 29.21 19.78 -18.31
CA GLU B 144 29.17 20.45 -17.01
C GLU B 144 28.64 19.47 -15.94
N PRO B 145 29.12 19.60 -14.69
CA PRO B 145 28.61 18.76 -13.60
C PRO B 145 27.13 19.03 -13.36
N GLY B 146 26.38 17.99 -12.98
CA GLY B 146 24.98 18.20 -12.66
C GLY B 146 24.14 16.94 -12.76
N PHE B 147 22.89 17.05 -12.33
CA PHE B 147 21.95 15.93 -12.25
C PHE B 147 20.94 16.02 -13.41
N CYS B 148 21.03 15.09 -14.35
CA CYS B 148 20.19 15.14 -15.54
C CYS B 148 18.79 14.64 -15.27
N ILE B 149 17.81 15.38 -15.77
CA ILE B 149 16.41 14.97 -15.73
C ILE B 149 15.86 15.16 -17.16
N ASP B 150 14.54 15.01 -17.33
CA ASP B 150 13.94 15.23 -18.65
C ASP B 150 14.28 16.63 -19.16
N HIS B 151 14.90 16.71 -20.33
CA HIS B 151 15.09 18.00 -21.01
C HIS B 151 15.97 19.01 -20.28
N ALA B 152 16.62 18.59 -19.21
CA ALA B 152 17.42 19.53 -18.46
C ALA B 152 18.42 18.85 -17.54
N TYR B 153 19.18 19.66 -16.81
CA TYR B 153 19.99 19.15 -15.71
C TYR B 153 20.15 20.20 -14.63
N ILE B 154 20.26 19.73 -13.40
CA ILE B 154 20.45 20.62 -12.28
C ILE B 154 21.95 20.82 -12.15
N ALA B 155 22.43 22.00 -12.52
CA ALA B 155 23.86 22.23 -12.61
C ALA B 155 24.51 22.34 -11.23
N GLY B 156 25.74 21.88 -11.12
CA GLY B 156 26.48 21.98 -9.89
C GLY B 156 26.92 20.64 -9.36
N ASP B 157 27.71 20.65 -8.30
CA ASP B 157 28.19 19.41 -7.70
C ASP B 157 28.17 19.52 -6.19
N SER B 158 27.34 20.41 -5.68
CA SER B 158 27.13 20.54 -4.25
C SER B 158 26.17 19.44 -3.83
N PHE B 159 26.42 18.82 -2.68
CA PHE B 159 25.57 17.71 -2.27
C PHE B 159 24.11 18.12 -2.10
N GLN B 160 23.21 17.27 -2.58
CA GLN B 160 21.78 17.39 -2.31
C GLN B 160 21.23 15.97 -2.34
N VAL B 161 20.10 15.72 -1.67
CA VAL B 161 19.46 14.41 -1.78
C VAL B 161 18.81 14.32 -3.16
N GLU B 162 19.19 13.31 -3.92
CA GLU B 162 18.75 13.17 -5.31
C GLU B 162 18.64 11.70 -5.66
N ARG B 163 17.70 11.37 -6.54
CA ARG B 163 17.40 9.98 -6.83
C ARG B 163 16.74 9.92 -8.18
N PHE B 164 16.96 8.83 -8.89
CA PHE B 164 16.16 8.51 -10.07
C PHE B 164 15.77 7.05 -10.10
N GLY B 165 14.76 6.74 -10.90
CA GLY B 165 14.43 5.38 -11.19
C GLY B 165 13.98 5.33 -12.64
N VAL B 166 14.50 4.37 -13.38
CA VAL B 166 14.21 4.23 -14.79
C VAL B 166 13.78 2.80 -15.03
N GLY B 167 12.71 2.63 -15.78
CA GLY B 167 12.19 1.32 -16.11
C GLY B 167 12.17 1.14 -17.62
N VAL B 168 12.54 -0.06 -18.08
CA VAL B 168 12.75 -0.28 -19.49
C VAL B 168 12.15 -1.60 -19.92
N THR B 169 11.41 -1.58 -21.03
CA THR B 169 10.98 -2.83 -21.64
C THR B 169 11.54 -2.98 -23.05
N PHE B 170 11.51 -4.21 -23.54
CA PHE B 170 12.16 -4.57 -24.80
C PHE B 170 11.16 -5.30 -25.69
N PRO B 171 10.78 -4.69 -26.82
CA PRO B 171 9.80 -5.30 -27.72
C PRO B 171 10.11 -6.77 -28.01
N GLU B 172 11.38 -7.09 -28.24
CA GLU B 172 11.81 -8.45 -28.57
C GLU B 172 11.74 -9.43 -27.39
N HIS B 173 11.62 -8.89 -26.17
CA HIS B 173 11.60 -9.74 -24.98
C HIS B 173 10.37 -9.50 -24.12
N PRO B 174 9.20 -9.98 -24.59
CA PRO B 174 7.94 -9.80 -23.87
C PRO B 174 8.03 -10.37 -22.47
N GLY B 175 7.59 -9.59 -21.49
CA GLY B 175 7.63 -10.05 -20.11
C GLY B 175 8.86 -9.57 -19.35
N ALA B 176 9.86 -9.07 -20.05
CA ALA B 176 11.07 -8.58 -19.39
C ALA B 176 10.95 -7.11 -18.98
N ARG B 177 11.51 -6.77 -17.82
CA ARG B 177 11.65 -5.37 -17.46
C ARG B 177 13.00 -5.15 -16.82
N PHE B 178 13.69 -4.12 -17.25
CA PHE B 178 14.94 -3.71 -16.63
C PHE B 178 14.69 -2.43 -15.84
N GLU B 179 15.31 -2.31 -14.68
CA GLU B 179 15.27 -1.04 -13.94
C GLU B 179 16.63 -0.62 -13.41
N PHE B 180 16.83 0.70 -13.37
CA PHE B 180 18.09 1.33 -13.00
C PHE B 180 17.75 2.47 -12.04
N ARG B 181 18.33 2.44 -10.85
CA ARG B 181 18.03 3.44 -9.83
C ARG B 181 19.30 3.94 -9.17
N SER B 182 19.32 5.20 -8.76
CA SER B 182 20.37 5.71 -7.89
C SER B 182 19.72 6.53 -6.79
N SER B 183 20.31 6.48 -5.61
CA SER B 183 19.78 7.17 -4.46
C SER B 183 20.94 7.58 -3.57
N THR B 184 21.01 8.85 -3.19
CA THR B 184 22.09 9.29 -2.30
C THR B 184 22.01 8.56 -0.96
N GLY B 185 23.16 8.32 -0.35
CA GLY B 185 23.21 7.62 0.92
C GLY B 185 23.51 6.14 0.78
N ALA B 186 24.30 5.61 1.70
CA ALA B 186 24.63 4.19 1.67
C ALA B 186 23.41 3.37 2.07
N GLU B 187 23.12 2.31 1.33
CA GLU B 187 22.09 1.39 1.78
C GLU B 187 22.55 0.76 3.10
N LEU B 188 21.59 0.37 3.92
CA LEU B 188 21.87 -0.08 5.28
C LEU B 188 22.48 -1.49 5.36
N ASN B 189 22.28 -2.27 4.31
CA ASN B 189 22.88 -3.60 4.20
C ASN B 189 23.33 -3.84 2.77
N SER B 190 24.08 -4.90 2.53
CA SER B 190 24.58 -5.19 1.18
C SER B 190 23.75 -6.27 0.48
N LEU B 191 23.71 -6.21 -0.85
CA LEU B 191 22.82 -7.07 -1.61
C LEU B 191 22.97 -8.57 -1.36
N LEU B 192 24.18 -9.10 -1.46
CA LEU B 192 24.32 -10.55 -1.33
C LEU B 192 23.90 -11.02 0.06
N GLU B 193 24.36 -10.32 1.09
CA GLU B 193 24.01 -10.69 2.46
C GLU B 193 22.51 -10.55 2.69
N ARG B 194 21.89 -9.58 2.01
CA ARG B 194 20.48 -9.27 2.19
C ARG B 194 19.56 -10.38 1.67
N VAL B 195 19.83 -10.84 0.44
CA VAL B 195 18.88 -11.72 -0.24
C VAL B 195 19.21 -13.20 -0.17
N ASP B 196 20.40 -13.54 0.30
CA ASP B 196 20.84 -14.93 0.23
C ASP B 196 19.90 -15.90 0.95
N GLY B 197 19.49 -15.54 2.16
CA GLY B 197 18.55 -16.37 2.90
C GLY B 197 17.34 -16.72 2.07
N PHE B 198 16.70 -15.69 1.50
CA PHE B 198 15.49 -15.89 0.72
C PHE B 198 15.78 -16.74 -0.50
N VAL B 199 16.87 -16.45 -1.20
CA VAL B 199 17.23 -17.25 -2.36
C VAL B 199 17.47 -18.72 -1.99
N GLN B 200 18.25 -18.97 -0.94
CA GLN B 200 18.48 -20.35 -0.52
C GLN B 200 17.14 -21.04 -0.20
N ASN B 201 16.21 -20.27 0.36
CA ASN B 201 14.87 -20.78 0.62
C ASN B 201 14.18 -21.16 -0.70
N MET B 202 14.29 -20.29 -1.70
CA MET B 202 13.71 -20.59 -3.00
C MET B 202 14.32 -21.85 -3.62
N LEU B 203 15.64 -21.96 -3.55
CA LEU B 203 16.34 -23.10 -4.17
C LEU B 203 15.95 -24.39 -3.48
N SER B 204 15.81 -24.33 -2.17
CA SER B 204 15.52 -25.50 -1.36
C SER B 204 14.10 -25.97 -1.57
N THR B 205 13.20 -25.02 -1.80
CA THR B 205 11.78 -25.31 -1.92
C THR B 205 11.39 -25.73 -3.34
N PHE B 206 12.03 -25.12 -4.33
CA PHE B 206 11.63 -25.30 -5.72
C PHE B 206 12.75 -25.89 -6.59
N ALA B 207 12.56 -27.12 -7.04
CA ALA B 207 13.56 -27.78 -7.88
C ALA B 207 13.76 -27.03 -9.18
N GLY B 208 12.74 -26.29 -9.60
CA GLY B 208 12.81 -25.53 -10.84
C GLY B 208 13.60 -24.23 -10.75
N MET B 209 14.00 -23.84 -9.53
CA MET B 209 14.80 -22.64 -9.33
C MET B 209 16.29 -22.95 -9.44
N GLU B 210 17.06 -22.03 -10.00
CA GLU B 210 18.50 -22.17 -9.96
C GLU B 210 19.21 -20.82 -9.89
N THR B 211 20.40 -20.81 -9.31
CA THR B 211 21.23 -19.62 -9.33
C THR B 211 22.14 -19.67 -10.55
N LEU B 212 22.06 -18.66 -11.40
CA LEU B 212 22.92 -18.62 -12.58
C LEU B 212 24.28 -18.02 -12.25
N ARG B 213 24.31 -17.12 -11.27
CA ARG B 213 25.53 -16.39 -10.97
C ARG B 213 25.40 -15.68 -9.63
N LYS B 214 26.49 -15.65 -8.88
CA LYS B 214 26.52 -14.91 -7.62
C LYS B 214 27.94 -14.47 -7.33
N GLY B 215 28.15 -13.16 -7.21
CA GLY B 215 29.47 -12.66 -6.86
C GLY B 215 29.70 -11.24 -7.27
N LYS B 216 30.96 -10.86 -7.40
CA LYS B 216 31.31 -9.48 -7.76
C LYS B 216 31.09 -9.22 -9.24
N HIS B 217 30.68 -8.00 -9.55
CA HIS B 217 30.51 -7.55 -10.93
C HIS B 217 30.85 -6.06 -10.98
N PRO B 218 32.14 -5.75 -10.82
CA PRO B 218 32.58 -4.37 -10.93
C PRO B 218 32.33 -3.89 -12.35
N VAL B 219 32.02 -2.60 -12.49
CA VAL B 219 31.87 -1.95 -13.78
C VAL B 219 32.72 -0.69 -13.67
N GLY B 220 33.91 -0.75 -14.27
CA GLY B 220 34.87 0.31 -14.05
C GLY B 220 35.12 0.44 -12.56
N SER B 221 35.09 1.66 -12.04
CA SER B 221 35.39 1.85 -10.64
C SER B 221 34.16 1.67 -9.73
N LEU B 222 33.05 1.20 -10.30
CA LEU B 222 31.85 0.92 -9.50
C LEU B 222 31.92 -0.50 -8.94
N PRO B 223 32.05 -0.61 -7.61
CA PRO B 223 32.21 -1.91 -6.96
C PRO B 223 30.89 -2.67 -6.83
N GLY B 224 30.28 -3.05 -7.95
CA GLY B 224 29.00 -3.75 -7.90
C GLY B 224 29.10 -5.22 -7.56
N GLU B 225 28.03 -5.76 -6.97
CA GLU B 225 27.92 -7.19 -6.75
C GLU B 225 26.58 -7.64 -7.31
N GLU B 226 26.49 -8.89 -7.73
CA GLU B 226 25.27 -9.35 -8.39
C GLU B 226 24.83 -10.72 -7.92
N TYR B 227 23.54 -11.00 -8.12
CA TYR B 227 22.96 -12.26 -7.76
C TYR B 227 21.93 -12.51 -8.84
N LEU B 228 22.07 -13.61 -9.58
CA LEU B 228 21.24 -13.84 -10.75
C LEU B 228 20.54 -15.19 -10.63
N VAL B 229 19.22 -15.19 -10.65
CA VAL B 229 18.50 -16.46 -10.54
C VAL B 229 17.50 -16.63 -11.69
N ALA B 230 17.14 -17.87 -11.97
CA ALA B 230 16.15 -18.15 -12.98
C ALA B 230 15.38 -19.39 -12.57
N GLY B 231 14.18 -19.54 -13.08
CA GLY B 231 13.44 -20.77 -12.84
C GLY B 231 12.30 -21.05 -13.78
N SER B 232 11.90 -22.32 -13.81
CA SER B 232 10.86 -22.75 -14.73
C SER B 232 9.71 -23.40 -13.99
N ASP B 233 8.50 -23.04 -14.38
CA ASP B 233 7.29 -23.68 -13.86
C ASP B 233 6.16 -23.40 -14.83
N LYS B 234 5.23 -24.35 -14.95
CA LYS B 234 4.08 -24.16 -15.83
C LYS B 234 4.50 -23.98 -17.28
N GLY B 235 5.70 -24.43 -17.62
CA GLY B 235 6.16 -24.32 -18.98
C GLY B 235 6.56 -22.92 -19.40
N GLN B 236 6.86 -22.06 -18.43
CA GLN B 236 7.51 -20.79 -18.75
C GLN B 236 8.69 -20.54 -17.83
N ARG B 237 9.59 -19.69 -18.29
CA ARG B 237 10.83 -19.41 -17.55
C ARG B 237 10.83 -18.00 -17.01
N GLY B 238 11.16 -17.86 -15.73
CA GLY B 238 11.29 -16.57 -15.09
C GLY B 238 12.74 -16.25 -14.76
N TYR B 239 13.01 -14.98 -14.50
CA TYR B 239 14.35 -14.53 -14.21
C TYR B 239 14.30 -13.44 -13.16
N THR B 240 15.32 -13.37 -12.32
CA THR B 240 15.51 -12.19 -11.49
C THR B 240 17.02 -11.94 -11.33
N PHE B 241 17.47 -10.86 -11.99
CA PHE B 241 18.88 -10.48 -11.99
C PHE B 241 19.00 -9.21 -11.18
N MET B 242 19.92 -9.21 -10.22
CA MET B 242 20.05 -8.13 -9.23
C MET B 242 21.50 -7.65 -9.14
N TRP B 243 21.72 -6.34 -9.17
CA TRP B 243 23.07 -5.76 -9.14
C TRP B 243 23.02 -4.51 -8.29
N GLU B 244 24.01 -4.34 -7.41
CA GLU B 244 24.00 -3.20 -6.52
C GLU B 244 25.39 -2.75 -6.14
N VAL B 245 25.52 -1.43 -6.04
CA VAL B 245 26.65 -0.77 -5.41
C VAL B 245 26.08 -0.16 -4.14
N GLN B 246 26.61 -0.57 -2.99
CA GLN B 246 26.03 -0.14 -1.71
C GLN B 246 25.90 1.38 -1.56
N GLY B 247 26.92 2.11 -1.98
CA GLY B 247 26.91 3.56 -1.88
C GLY B 247 27.74 4.09 -0.72
N LYS B 248 28.09 5.37 -0.79
CA LYS B 248 28.82 6.05 0.27
C LYS B 248 27.97 7.22 0.72
N GLU B 249 28.11 7.61 1.99
CA GLU B 249 27.34 8.71 2.52
C GLU B 249 27.73 10.06 1.92
N GLU B 250 26.74 10.93 1.70
CA GLU B 250 26.99 12.26 1.18
C GLU B 250 27.87 12.27 -0.07
N SER B 251 27.55 11.41 -1.02
CA SER B 251 28.32 11.34 -2.25
C SER B 251 27.42 11.34 -3.49
N LEU B 252 27.61 12.32 -4.36
CA LEU B 252 26.76 12.45 -5.56
C LEU B 252 27.12 11.38 -6.59
N THR B 253 28.40 11.01 -6.65
CA THR B 253 28.90 10.12 -7.70
C THR B 253 29.12 8.71 -7.21
N GLU B 254 28.96 8.49 -5.91
CA GLU B 254 29.01 7.15 -5.37
C GLU B 254 27.76 6.87 -4.55
N PRO B 255 26.58 7.14 -5.15
CA PRO B 255 25.36 6.88 -4.38
C PRO B 255 25.06 5.39 -4.39
N ASN B 256 24.01 4.98 -3.70
CA ASN B 256 23.53 3.63 -3.86
C ASN B 256 23.05 3.49 -5.32
N LEU B 257 23.43 2.38 -5.98
CA LEU B 257 23.05 2.16 -7.37
CA LEU B 257 23.07 2.14 -7.37
C LEU B 257 22.49 0.75 -7.51
N THR B 258 21.35 0.62 -8.17
CA THR B 258 20.85 -0.72 -8.44
C THR B 258 20.52 -0.88 -9.92
N ALA B 259 20.68 -2.10 -10.39
CA ALA B 259 20.22 -2.49 -11.71
C ALA B 259 19.55 -3.85 -11.54
N GLY B 260 18.41 -4.04 -12.19
CA GLY B 260 17.68 -5.29 -12.04
C GLY B 260 16.98 -5.65 -13.33
N LEU B 261 16.88 -6.94 -13.59
CA LEU B 261 16.15 -7.42 -14.75
C LEU B 261 15.28 -8.56 -14.29
N ALA B 262 13.97 -8.44 -14.54
CA ALA B 262 13.04 -9.47 -14.11
C ALA B 262 12.17 -9.96 -15.25
N VAL B 263 11.82 -11.23 -15.20
CA VAL B 263 10.69 -11.77 -15.96
C VAL B 263 9.78 -12.47 -14.97
N LEU B 264 8.67 -11.82 -14.64
CA LEU B 264 7.68 -12.36 -13.72
C LEU B 264 6.70 -13.26 -14.46
N GLU B 265 5.86 -13.95 -13.71
CA GLU B 265 4.88 -14.83 -14.31
C GLU B 265 3.98 -14.07 -15.28
N ARG B 266 3.78 -14.63 -16.47
CA ARG B 266 2.82 -14.11 -17.43
C ARG B 266 1.87 -15.22 -17.82
N SER B 267 0.84 -14.91 -18.58
CA SER B 267 -0.15 -15.94 -18.82
C SER B 267 -0.10 -16.57 -20.19
N ASN B 268 -0.68 -17.75 -20.24
CA ASN B 268 -0.91 -18.44 -21.49
C ASN B 268 -1.85 -17.57 -22.31
N GLU B 269 -1.62 -17.53 -23.61
CA GLU B 269 -2.52 -16.87 -24.53
C GLU B 269 -3.54 -17.92 -24.94
N ASN B 270 -4.80 -17.71 -24.61
CA ASN B 270 -5.83 -18.70 -24.90
C ASN B 270 -5.32 -20.13 -24.67
N GLY B 271 -5.01 -20.45 -23.42
CA GLY B 271 -4.59 -21.80 -23.05
C GLY B 271 -3.30 -22.28 -23.69
N LYS B 272 -2.44 -21.34 -24.10
CA LYS B 272 -1.14 -21.70 -24.65
C LYS B 272 -0.01 -20.98 -23.91
N PRO B 273 0.98 -21.74 -23.42
CA PRO B 273 2.11 -21.20 -22.65
C PRO B 273 2.63 -19.88 -23.20
N PRO B 274 2.76 -18.87 -22.34
CA PRO B 274 3.09 -17.49 -22.76
C PRO B 274 4.33 -17.47 -23.63
N PRO B 275 4.46 -16.42 -24.45
CA PRO B 275 5.62 -16.33 -25.36
C PRO B 275 6.87 -15.98 -24.58
N PRO B 276 7.96 -16.74 -24.80
CA PRO B 276 9.20 -16.66 -24.03
C PRO B 276 9.83 -15.28 -24.09
N ALA B 277 10.33 -14.80 -22.95
CA ALA B 277 11.02 -13.52 -22.91
C ALA B 277 12.34 -13.63 -23.66
N PHE B 278 13.03 -14.74 -23.46
CA PHE B 278 14.35 -14.94 -24.06
C PHE B 278 14.46 -16.32 -24.69
N LYS B 279 15.33 -16.43 -25.69
CA LYS B 279 15.57 -17.70 -26.37
C LYS B 279 16.33 -18.66 -25.47
N SER B 280 17.07 -18.13 -24.50
CA SER B 280 17.89 -18.96 -23.62
C SER B 280 18.42 -18.13 -22.46
N ASP B 281 18.90 -18.81 -21.43
CA ASP B 281 19.56 -18.11 -20.33
C ASP B 281 20.76 -17.33 -20.86
N LYS B 282 21.46 -17.91 -21.83
CA LYS B 282 22.62 -17.25 -22.38
C LYS B 282 22.23 -15.91 -22.99
N GLU B 283 21.12 -15.89 -23.71
CA GLU B 283 20.65 -14.63 -24.30
C GLU B 283 20.30 -13.60 -23.23
N ALA B 284 19.61 -14.02 -22.18
CA ALA B 284 19.27 -13.12 -21.07
C ALA B 284 20.52 -12.55 -20.39
N LEU B 285 21.51 -13.39 -20.14
CA LEU B 285 22.73 -12.96 -19.48
C LEU B 285 23.50 -12.00 -20.37
N GLU B 286 23.45 -12.23 -21.68
CA GLU B 286 24.12 -11.35 -22.63
C GLU B 286 23.57 -9.93 -22.59
N LEU B 287 22.24 -9.84 -22.62
CA LEU B 287 21.58 -8.54 -22.56
C LEU B 287 21.90 -7.87 -21.22
N TRP B 288 21.70 -8.62 -20.14
CA TRP B 288 22.07 -8.15 -18.80
C TRP B 288 23.49 -7.59 -18.72
N ASP B 289 24.49 -8.39 -19.09
CA ASP B 289 25.87 -7.93 -19.03
C ASP B 289 26.12 -6.71 -19.89
N THR B 290 25.54 -6.70 -21.09
CA THR B 290 25.77 -5.60 -22.01
C THR B 290 25.25 -4.28 -21.42
N ILE B 291 24.05 -4.30 -20.87
CA ILE B 291 23.51 -3.11 -20.22
C ILE B 291 24.29 -2.69 -18.98
N VAL B 292 24.50 -3.62 -18.06
CA VAL B 292 25.14 -3.30 -16.79
C VAL B 292 26.58 -2.80 -17.03
N ASP B 293 27.28 -3.43 -17.94
CA ASP B 293 28.66 -3.02 -18.20
C ASP B 293 28.76 -1.63 -18.84
N SER B 294 27.62 -1.07 -19.26
CA SER B 294 27.61 0.27 -19.84
C SER B 294 27.36 1.37 -18.81
N ILE B 295 27.11 0.99 -17.56
CA ILE B 295 26.84 1.97 -16.50
C ILE B 295 28.10 2.69 -16.06
N ARG B 296 28.09 4.01 -16.14
CA ARG B 296 29.21 4.81 -15.65
C ARG B 296 28.77 6.22 -15.25
N VAL B 297 29.51 6.81 -14.33
CA VAL B 297 29.32 8.20 -13.95
C VAL B 297 29.57 9.03 -15.19
N ARG B 298 28.73 10.04 -15.41
CA ARG B 298 28.91 10.92 -16.55
C ARG B 298 30.21 11.70 -16.37
N PRO B 299 31.14 11.58 -17.33
CA PRO B 299 32.36 12.40 -17.22
C PRO B 299 32.02 13.88 -17.28
N THR B 300 32.58 14.68 -16.37
CA THR B 300 32.31 16.11 -16.38
C THR B 300 33.60 16.89 -16.16
N SER B 301 33.52 18.21 -16.28
CA SER B 301 34.67 19.07 -16.07
C SER B 301 34.84 19.40 -14.59
#